data_4YRD
#
_entry.id   4YRD
#
_cell.length_a   78.580
_cell.length_b   194.620
_cell.length_c   158.360
_cell.angle_alpha   90.00
_cell.angle_beta   90.00
_cell.angle_gamma   90.00
#
_symmetry.space_group_name_H-M   'C 2 2 21'
#
loop_
_entity.id
_entity.type
_entity.pdbx_description
1 polymer 'Capsular polysaccharide synthesis enzyme Cap5F'
2 non-polymer 'ZINC ION'
3 non-polymer 2-hydroxy-3-(prop-1-en-2-yl)cyclohepta-2,4,6-trien-1-one
4 water water
#
_entity_poly.entity_id   1
_entity_poly.type   'polypeptide(L)'
_entity_poly.pdbx_seq_one_letter_code
;GGSMNIVITGAKGFVGKNLKADLTSTTDHHIFEVHRQTKEEELESALLKADFIVHLAGVGSYLDHVLDILTRNTKKPAIL
LSSSIQATQDNPYGESKLQGEQLLREYAEEYGNTVYIYRWPNLFGKWCKPNYNSVIATFCYKIARNEEIQVNDRNVELTL
NYVDDIVAEIKRAIEGTPTIENGVPTVPNVFKVTLGEIVDLLYKFKQSRLDRTLPKLDNLFEKDLYSTYLSYLPSTDFSY
PLLMNVDDRGSFTEFIKTPDRGQVSVNISKPGITKGNHWHHTKNEKFLVVSGKGVIRFRHVNDDEIIEYYVSGDKLEVVD
IPVGYTHNIENLGDTDMVTIMWVNEMFDPNQPDTYFLEV
;
_entity_poly.pdbx_strand_id   A,B
#
# COMPACT_ATOMS: atom_id res chain seq x y z
N MET A 4 -38.54 -8.09 18.12
CA MET A 4 -39.28 -8.86 17.06
C MET A 4 -38.92 -10.34 17.11
N ASN A 5 -39.88 -11.21 16.78
CA ASN A 5 -39.63 -12.64 16.53
C ASN A 5 -39.40 -12.82 15.05
N ILE A 6 -38.21 -13.30 14.69
CA ILE A 6 -37.83 -13.47 13.31
C ILE A 6 -37.53 -14.94 13.02
N VAL A 7 -38.27 -15.49 12.06
CA VAL A 7 -38.06 -16.87 11.65
C VAL A 7 -37.13 -16.91 10.46
N ILE A 8 -36.14 -17.79 10.53
CA ILE A 8 -35.27 -18.03 9.40
C ILE A 8 -35.47 -19.48 9.03
N THR A 9 -36.15 -19.70 7.90
CA THR A 9 -36.21 -21.01 7.32
C THR A 9 -34.90 -21.20 6.58
N GLY A 10 -34.50 -22.46 6.35
CA GLY A 10 -33.17 -22.82 5.84
C GLY A 10 -32.02 -22.19 6.60
N ALA A 11 -32.14 -22.13 7.91
CA ALA A 11 -31.16 -21.46 8.79
C ALA A 11 -29.78 -22.13 8.86
N LYS A 12 -29.69 -23.42 8.52
CA LYS A 12 -28.37 -24.11 8.53
C LYS A 12 -27.66 -23.95 7.22
N GLY A 13 -28.28 -23.27 6.26
CA GLY A 13 -27.59 -23.03 5.02
C GLY A 13 -26.57 -21.90 5.08
N PHE A 14 -25.96 -21.71 3.93
CA PHE A 14 -24.87 -20.75 3.76
C PHE A 14 -25.33 -19.37 4.23
N VAL A 15 -26.43 -18.89 3.66
CA VAL A 15 -26.94 -17.57 4.00
C VAL A 15 -27.48 -17.53 5.44
N GLY A 16 -28.19 -18.58 5.83
CA GLY A 16 -28.78 -18.61 7.13
C GLY A 16 -27.73 -18.45 8.19
N LYS A 17 -26.70 -19.27 8.14
CA LYS A 17 -25.69 -19.23 9.20
C LYS A 17 -25.08 -17.83 9.28
N ASN A 18 -24.80 -17.23 8.12
CA ASN A 18 -24.30 -15.86 8.08
C ASN A 18 -25.27 -14.90 8.73
N LEU A 19 -26.54 -14.97 8.34
CA LEU A 19 -27.53 -14.04 8.85
C LEU A 19 -27.76 -14.24 10.34
N LYS A 20 -27.84 -15.50 10.76
CA LYS A 20 -28.09 -15.83 12.17
C LYS A 20 -27.01 -15.22 13.06
N ALA A 21 -25.76 -15.42 12.69
CA ALA A 21 -24.64 -14.91 13.46
C ALA A 21 -24.65 -13.38 13.53
N ASP A 22 -25.10 -12.73 12.46
CA ASP A 22 -25.11 -11.29 12.43
C ASP A 22 -26.21 -10.74 13.32
N LEU A 23 -27.42 -11.25 13.16
CA LEU A 23 -28.58 -10.75 13.89
C LEU A 23 -28.43 -10.93 15.39
N THR A 24 -27.93 -12.08 15.81
CA THR A 24 -27.74 -12.31 17.22
C THR A 24 -26.56 -11.46 17.71
N SER A 25 -25.69 -11.03 16.80
CA SER A 25 -24.60 -10.18 17.20
C SER A 25 -24.93 -8.68 17.24
N THR A 26 -25.89 -8.21 16.45
CA THR A 26 -26.08 -6.78 16.28
C THR A 26 -27.51 -6.28 16.54
N THR A 27 -28.38 -7.17 17.03
CA THR A 27 -29.76 -6.79 17.34
C THR A 27 -30.24 -7.56 18.57
N ASP A 28 -31.42 -7.17 19.08
CA ASP A 28 -32.04 -7.82 20.26
C ASP A 28 -33.19 -8.75 19.88
N HIS A 29 -33.31 -9.08 18.60
CA HIS A 29 -34.44 -9.81 18.05
C HIS A 29 -34.42 -11.28 18.40
N HIS A 30 -35.59 -11.86 18.64
CA HIS A 30 -35.65 -13.29 18.96
C HIS A 30 -35.64 -14.09 17.66
N ILE A 31 -34.57 -14.86 17.47
CA ILE A 31 -34.33 -15.63 16.25
C ILE A 31 -34.87 -17.04 16.42
N PHE A 32 -35.78 -17.44 15.53
CA PHE A 32 -36.31 -18.78 15.52
C PHE A 32 -35.73 -19.45 14.29
N GLU A 33 -34.69 -20.25 14.51
CA GLU A 33 -34.12 -21.04 13.45
C GLU A 33 -35.08 -22.18 13.11
N VAL A 34 -35.39 -22.33 11.82
CA VAL A 34 -36.02 -23.57 11.35
C VAL A 34 -35.21 -24.15 10.19
N HIS A 35 -35.21 -25.48 10.16
CA HIS A 35 -34.33 -26.26 9.30
C HIS A 35 -34.82 -27.68 9.30
N ARG A 36 -34.09 -28.59 8.67
CA ARG A 36 -34.57 -29.96 8.52
C ARG A 36 -34.66 -30.79 9.85
N GLN A 37 -34.02 -30.33 10.93
CA GLN A 37 -34.17 -30.94 12.28
C GLN A 37 -35.34 -30.36 13.14
N THR A 38 -36.03 -29.37 12.60
CA THR A 38 -37.23 -28.80 13.21
C THR A 38 -38.41 -29.75 13.08
N LYS A 39 -39.14 -29.95 14.17
CA LYS A 39 -40.32 -30.76 14.12
C LYS A 39 -41.44 -29.93 13.54
N GLU A 40 -42.38 -30.60 12.89
CA GLU A 40 -43.55 -29.93 12.31
C GLU A 40 -44.29 -29.04 13.32
N GLU A 41 -44.46 -29.54 14.55
CA GLU A 41 -45.00 -28.75 15.66
C GLU A 41 -44.23 -27.45 15.92
N GLU A 42 -42.90 -27.51 15.88
CA GLU A 42 -42.06 -26.33 16.14
C GLU A 42 -42.03 -25.37 14.95
N LEU A 43 -42.23 -25.90 13.76
CA LEU A 43 -42.34 -25.07 12.57
C LEU A 43 -43.59 -24.23 12.69
N GLU A 44 -44.72 -24.90 12.89
CA GLU A 44 -46.00 -24.23 13.05
C GLU A 44 -45.99 -23.21 14.21
N SER A 45 -45.57 -23.67 15.38
CA SER A 45 -45.48 -22.81 16.55
C SER A 45 -44.70 -21.53 16.19
N ALA A 46 -43.50 -21.71 15.66
CA ALA A 46 -42.65 -20.57 15.31
C ALA A 46 -43.30 -19.66 14.26
N LEU A 47 -43.92 -20.24 13.24
CA LEU A 47 -44.52 -19.43 12.19
C LEU A 47 -45.66 -18.57 12.69
N LEU A 48 -46.49 -19.13 13.60
CA LEU A 48 -47.67 -18.44 14.12
C LEU A 48 -47.32 -17.30 15.08
N LYS A 49 -46.18 -17.43 15.78
CA LYS A 49 -45.64 -16.37 16.62
C LYS A 49 -44.90 -15.30 15.82
N ALA A 50 -44.53 -15.59 14.58
CA ALA A 50 -43.56 -14.77 13.85
C ALA A 50 -44.03 -13.35 13.52
N ASP A 51 -43.09 -12.40 13.61
CA ASP A 51 -43.29 -11.01 13.13
C ASP A 51 -42.67 -10.76 11.78
N PHE A 52 -41.66 -11.55 11.43
CA PHE A 52 -40.96 -11.40 10.17
C PHE A 52 -40.44 -12.78 9.77
N ILE A 53 -40.63 -13.17 8.52
CA ILE A 53 -40.20 -14.45 8.07
C ILE A 53 -39.17 -14.25 7.00
N VAL A 54 -37.92 -14.65 7.31
CA VAL A 54 -36.86 -14.70 6.32
C VAL A 54 -36.80 -16.09 5.78
N HIS A 55 -37.39 -16.30 4.61
CA HIS A 55 -37.37 -17.59 3.95
C HIS A 55 -36.17 -17.79 3.03
N LEU A 56 -35.29 -18.74 3.38
CA LEU A 56 -34.06 -19.02 2.64
C LEU A 56 -34.06 -20.34 1.88
N ALA A 57 -35.08 -21.17 2.09
CA ALA A 57 -35.16 -22.47 1.39
C ALA A 57 -35.65 -22.38 -0.03
N GLY A 58 -35.85 -21.19 -0.59
CA GLY A 58 -36.43 -21.08 -1.92
C GLY A 58 -37.85 -21.66 -2.12
N VAL A 59 -38.27 -21.63 -3.36
CA VAL A 59 -39.65 -21.77 -3.74
C VAL A 59 -39.98 -23.26 -3.86
N GLY A 60 -41.24 -23.66 -3.76
CA GLY A 60 -41.57 -25.07 -3.79
C GLY A 60 -42.55 -25.48 -2.69
N SER A 61 -42.84 -26.80 -2.64
CA SER A 61 -43.88 -27.35 -1.75
C SER A 61 -43.64 -27.00 -0.28
N TYR A 62 -42.39 -27.00 0.14
CA TYR A 62 -42.06 -26.54 1.48
C TYR A 62 -42.54 -25.12 1.73
N LEU A 63 -42.22 -24.21 0.83
CA LEU A 63 -42.68 -22.83 1.00
C LEU A 63 -44.20 -22.71 1.00
N ASP A 64 -44.86 -23.48 0.14
CA ASP A 64 -46.31 -23.38 0.10
C ASP A 64 -46.88 -23.73 1.45
N HIS A 65 -46.34 -24.78 2.05
CA HIS A 65 -46.76 -25.23 3.37
C HIS A 65 -46.54 -24.16 4.42
N VAL A 66 -45.38 -23.52 4.38
CA VAL A 66 -45.06 -22.40 5.27
C VAL A 66 -46.04 -21.23 5.11
N LEU A 67 -46.35 -20.94 3.85
CA LEU A 67 -47.29 -19.87 3.53
C LEU A 67 -48.67 -20.18 4.03
N ASP A 68 -49.09 -21.43 3.92
CA ASP A 68 -50.44 -21.88 4.36
C ASP A 68 -50.60 -21.71 5.87
N ILE A 69 -49.61 -22.14 6.63
CA ILE A 69 -49.57 -21.91 8.08
C ILE A 69 -49.68 -20.42 8.40
N LEU A 70 -48.88 -19.59 7.71
CA LEU A 70 -48.89 -18.13 7.94
C LEU A 70 -50.21 -17.43 7.61
N THR A 71 -51.15 -18.08 6.91
CA THR A 71 -52.47 -17.49 6.75
C THR A 71 -53.19 -17.41 8.09
N ARG A 72 -52.74 -18.20 9.07
CA ARG A 72 -53.36 -18.21 10.39
C ARG A 72 -52.58 -17.40 11.44
N ASN A 73 -51.53 -16.70 11.00
CA ASN A 73 -50.84 -15.75 11.87
C ASN A 73 -51.52 -14.39 11.83
N THR A 74 -52.26 -14.10 12.90
CA THR A 74 -53.05 -12.87 13.07
C THR A 74 -52.28 -11.53 12.80
N LYS A 75 -51.03 -11.45 13.22
CA LYS A 75 -50.17 -10.25 12.98
C LYS A 75 -49.69 -9.92 11.55
N LYS A 76 -50.01 -10.72 10.55
CA LYS A 76 -49.67 -10.39 9.17
C LYS A 76 -48.19 -10.03 8.98
N PRO A 77 -47.31 -10.92 9.43
CA PRO A 77 -45.88 -10.62 9.39
C PRO A 77 -45.33 -10.49 7.98
N ALA A 78 -44.28 -9.70 7.82
CA ALA A 78 -43.65 -9.54 6.52
C ALA A 78 -42.86 -10.81 6.20
N ILE A 79 -42.76 -11.13 4.91
CA ILE A 79 -42.12 -12.33 4.42
C ILE A 79 -41.07 -11.92 3.38
N LEU A 80 -39.86 -12.47 3.51
CA LEU A 80 -38.78 -12.20 2.58
C LEU A 80 -38.27 -13.50 2.00
N LEU A 81 -38.12 -13.55 0.67
CA LEU A 81 -37.57 -14.70 -0.03
C LEU A 81 -36.95 -14.29 -1.37
N SER A 82 -36.37 -15.25 -2.09
CA SER A 82 -35.78 -15.03 -3.39
C SER A 82 -36.33 -16.05 -4.36
N SER A 83 -36.79 -15.59 -5.52
CA SER A 83 -37.53 -16.44 -6.46
C SER A 83 -36.63 -17.11 -7.49
N SER A 84 -35.36 -16.73 -7.54
CA SER A 84 -34.48 -17.27 -8.60
C SER A 84 -34.08 -18.71 -8.31
N ILE A 85 -33.51 -19.35 -9.33
CA ILE A 85 -32.82 -20.64 -9.19
C ILE A 85 -31.96 -20.90 -10.43
N GLU A 101 -44.20 -16.73 -8.38
CA GLU A 101 -43.92 -15.33 -8.72
C GLU A 101 -45.22 -14.53 -8.79
N GLN A 102 -46.05 -14.77 -9.81
CA GLN A 102 -47.38 -14.15 -9.83
C GLN A 102 -48.20 -14.69 -8.65
N LEU A 103 -48.07 -15.98 -8.38
CA LEU A 103 -48.71 -16.62 -7.24
C LEU A 103 -48.38 -15.90 -5.92
N LEU A 104 -47.12 -15.48 -5.75
CA LEU A 104 -46.71 -14.79 -4.53
C LEU A 104 -47.24 -13.37 -4.41
N ARG A 105 -47.41 -12.69 -5.53
CA ARG A 105 -48.06 -11.37 -5.52
C ARG A 105 -49.52 -11.50 -5.10
N GLU A 106 -50.18 -12.54 -5.59
CA GLU A 106 -51.60 -12.80 -5.27
C GLU A 106 -51.80 -13.17 -3.80
N TYR A 107 -50.88 -13.95 -3.26
CA TYR A 107 -50.85 -14.25 -1.83
C TYR A 107 -50.78 -12.97 -1.01
N ALA A 108 -49.79 -12.13 -1.29
CA ALA A 108 -49.64 -10.86 -0.57
C ALA A 108 -50.93 -10.04 -0.56
N GLU A 109 -51.62 -10.03 -1.70
CA GLU A 109 -52.79 -9.18 -1.89
C GLU A 109 -54.03 -9.84 -1.26
N GLU A 110 -54.12 -11.17 -1.25
CA GLU A 110 -55.23 -11.87 -0.60
C GLU A 110 -55.18 -11.81 0.94
N TYR A 111 -53.99 -11.94 1.53
CA TYR A 111 -53.88 -12.03 2.99
C TYR A 111 -53.29 -10.79 3.66
N GLY A 112 -52.74 -9.85 2.87
CA GLY A 112 -52.25 -8.58 3.41
C GLY A 112 -50.76 -8.48 3.64
N ASN A 113 -50.10 -9.60 3.93
CA ASN A 113 -48.69 -9.59 4.31
C ASN A 113 -47.85 -8.83 3.29
N THR A 114 -46.90 -8.01 3.76
CA THR A 114 -45.88 -7.46 2.86
C THR A 114 -44.97 -8.61 2.44
N VAL A 115 -44.90 -8.88 1.14
CA VAL A 115 -43.96 -9.89 0.61
C VAL A 115 -42.85 -9.29 -0.29
N TYR A 116 -41.62 -9.30 0.21
CA TYR A 116 -40.46 -8.91 -0.57
C TYR A 116 -39.91 -10.07 -1.39
N ILE A 117 -40.19 -10.08 -2.70
CA ILE A 117 -39.59 -11.03 -3.65
C ILE A 117 -38.27 -10.45 -4.11
N TYR A 118 -37.14 -11.11 -3.83
CA TYR A 118 -35.85 -10.67 -4.37
C TYR A 118 -35.50 -11.56 -5.56
N ARG A 119 -34.49 -11.19 -6.34
CA ARG A 119 -34.04 -12.05 -7.44
C ARG A 119 -32.54 -12.24 -7.37
N TRP A 120 -32.11 -12.84 -6.28
CA TRP A 120 -30.70 -12.98 -6.01
C TRP A 120 -30.02 -13.77 -7.12
N PRO A 121 -28.88 -13.28 -7.59
CA PRO A 121 -28.05 -14.05 -8.48
C PRO A 121 -27.25 -15.08 -7.68
N ASN A 122 -26.21 -15.65 -8.27
CA ASN A 122 -25.29 -16.46 -7.51
C ASN A 122 -24.62 -15.68 -6.40
N LEU A 123 -24.28 -16.40 -5.35
CA LEU A 123 -23.79 -15.86 -4.12
C LEU A 123 -22.43 -16.47 -3.75
N PHE A 124 -21.61 -15.68 -3.06
CA PHE A 124 -20.37 -16.18 -2.51
C PHE A 124 -20.05 -15.55 -1.13
N GLY A 125 -19.19 -16.23 -0.40
CA GLY A 125 -18.76 -15.74 0.89
C GLY A 125 -18.40 -16.92 1.75
N LYS A 126 -17.97 -16.62 2.97
CA LYS A 126 -17.58 -17.68 3.89
C LYS A 126 -18.79 -18.56 4.29
N TRP A 127 -18.45 -19.81 4.60
CA TRP A 127 -19.36 -20.83 5.16
C TRP A 127 -20.25 -21.49 4.11
N CYS A 128 -19.89 -21.30 2.85
CA CYS A 128 -20.59 -21.92 1.77
C CYS A 128 -19.88 -23.23 1.57
N LYS A 129 -20.67 -24.25 1.35
CA LYS A 129 -20.23 -25.63 1.28
C LYS A 129 -19.59 -25.84 -0.10
N PRO A 130 -18.37 -26.43 -0.13
CA PRO A 130 -17.65 -26.62 -1.40
C PRO A 130 -18.08 -27.89 -2.08
N ASN A 131 -17.71 -28.07 -3.34
CA ASN A 131 -18.07 -29.27 -4.09
C ASN A 131 -19.57 -29.58 -3.98
N TYR A 132 -20.37 -28.50 -4.04
CA TYR A 132 -21.82 -28.57 -3.88
C TYR A 132 -22.42 -27.58 -4.89
N ASN A 133 -23.00 -26.46 -4.46
CA ASN A 133 -23.75 -25.55 -5.36
C ASN A 133 -23.08 -24.24 -5.77
N SER A 134 -21.94 -23.91 -5.16
CA SER A 134 -21.22 -22.67 -5.38
C SER A 134 -19.86 -23.02 -5.99
N VAL A 135 -19.66 -22.55 -7.21
CA VAL A 135 -18.44 -22.78 -7.94
C VAL A 135 -17.26 -21.99 -7.31
N ILE A 136 -17.53 -20.83 -6.73
CA ILE A 136 -16.49 -20.06 -6.05
C ILE A 136 -16.02 -20.73 -4.74
N ALA A 137 -16.95 -21.37 -4.01
CA ALA A 137 -16.60 -22.13 -2.84
C ALA A 137 -15.68 -23.27 -3.23
N THR A 138 -16.02 -23.96 -4.31
CA THR A 138 -15.23 -25.05 -4.79
C THR A 138 -13.84 -24.57 -5.23
N PHE A 139 -13.74 -23.46 -5.95
CA PHE A 139 -12.44 -22.98 -6.38
C PHE A 139 -11.58 -22.58 -5.21
N CYS A 140 -12.17 -21.92 -4.23
CA CYS A 140 -11.39 -21.52 -3.06
C CYS A 140 -10.82 -22.73 -2.33
N TYR A 141 -11.67 -23.74 -2.13
CA TYR A 141 -11.40 -24.87 -1.33
C TYR A 141 -10.29 -25.65 -1.97
N LYS A 142 -10.51 -25.91 -3.25
CA LYS A 142 -9.55 -26.65 -4.04
C LYS A 142 -8.20 -25.95 -4.17
N ILE A 143 -8.24 -24.67 -4.49
CA ILE A 143 -7.06 -23.93 -4.74
C ILE A 143 -6.21 -23.82 -3.47
N ALA A 144 -6.87 -23.60 -2.33
CA ALA A 144 -6.13 -23.56 -1.06
C ALA A 144 -5.50 -24.90 -0.72
N ARG A 145 -6.04 -26.02 -1.19
CA ARG A 145 -5.53 -27.37 -0.93
C ARG A 145 -4.66 -27.89 -2.07
N ASN A 146 -4.28 -26.99 -3.01
CA ASN A 146 -3.40 -27.35 -4.12
C ASN A 146 -4.01 -28.47 -4.94
N GLU A 147 -5.34 -28.42 -5.03
CA GLU A 147 -6.12 -29.38 -5.84
C GLU A 147 -6.48 -28.81 -7.24
N GLU A 148 -6.43 -29.68 -8.25
CA GLU A 148 -6.76 -29.42 -9.66
CA GLU A 148 -6.73 -29.33 -9.65
C GLU A 148 -8.18 -28.85 -9.80
N ILE A 149 -8.37 -27.73 -10.50
CA ILE A 149 -9.70 -27.24 -10.78
C ILE A 149 -10.06 -27.40 -12.26
N GLN A 150 -11.36 -27.43 -12.53
CA GLN A 150 -11.91 -27.52 -13.90
C GLN A 150 -12.52 -26.19 -14.37
N VAL A 151 -11.93 -25.60 -15.41
CA VAL A 151 -12.52 -24.43 -16.05
C VAL A 151 -12.80 -24.69 -17.51
N ASN A 152 -14.06 -24.98 -17.85
CA ASN A 152 -14.42 -25.32 -19.25
C ASN A 152 -14.14 -24.11 -20.17
N ASP A 153 -14.57 -22.92 -19.72
CA ASP A 153 -14.46 -21.67 -20.49
C ASP A 153 -14.19 -20.48 -19.58
N ARG A 154 -13.06 -19.81 -19.80
CA ARG A 154 -12.67 -18.70 -18.94
C ARG A 154 -13.54 -17.44 -19.15
N ASN A 155 -14.23 -17.35 -20.29
CA ASN A 155 -14.97 -16.14 -20.62
C ASN A 155 -16.39 -16.11 -20.12
N VAL A 156 -16.86 -17.19 -19.53
CA VAL A 156 -18.15 -17.17 -18.89
C VAL A 156 -18.23 -16.05 -17.85
N GLU A 157 -19.26 -15.21 -17.99
CA GLU A 157 -19.60 -14.19 -17.02
C GLU A 157 -20.55 -14.72 -15.95
N LEU A 158 -20.22 -14.44 -14.71
CA LEU A 158 -21.04 -14.76 -13.55
C LEU A 158 -21.56 -13.46 -13.02
N THR A 159 -22.82 -13.46 -12.59
CA THR A 159 -23.40 -12.37 -11.84
C THR A 159 -23.47 -12.78 -10.38
N LEU A 160 -22.95 -11.92 -9.48
CA LEU A 160 -22.71 -12.30 -8.08
C LEU A 160 -23.10 -11.27 -7.02
N ASN A 161 -23.52 -11.76 -5.84
CA ASN A 161 -23.62 -10.96 -4.62
C ASN A 161 -22.84 -11.66 -3.50
N TYR A 162 -22.09 -10.84 -2.76
CA TYR A 162 -21.40 -11.23 -1.57
C TYR A 162 -22.41 -11.38 -0.42
N VAL A 163 -22.21 -12.41 0.38
CA VAL A 163 -23.11 -12.73 1.47
C VAL A 163 -23.35 -11.56 2.44
N ASP A 164 -22.33 -10.74 2.73
CA ASP A 164 -22.48 -9.54 3.61
C ASP A 164 -23.53 -8.59 3.05
N ASP A 165 -23.58 -8.43 1.74
CA ASP A 165 -24.58 -7.54 1.17
C ASP A 165 -25.97 -8.18 1.24
N ILE A 166 -26.04 -9.49 1.05
CA ILE A 166 -27.29 -10.18 1.19
C ILE A 166 -27.85 -9.98 2.61
N VAL A 167 -26.98 -10.18 3.60
CA VAL A 167 -27.32 -10.07 5.03
C VAL A 167 -27.84 -8.65 5.30
N ALA A 168 -27.04 -7.65 4.93
CA ALA A 168 -27.37 -6.24 5.13
C ALA A 168 -28.68 -5.80 4.45
N GLU A 169 -28.91 -6.23 3.22
CA GLU A 169 -30.15 -5.95 2.53
C GLU A 169 -31.34 -6.55 3.26
N ILE A 170 -31.15 -7.74 3.80
CA ILE A 170 -32.20 -8.42 4.58
C ILE A 170 -32.50 -7.68 5.89
N LYS A 171 -31.46 -7.21 6.58
CA LYS A 171 -31.61 -6.42 7.81
C LYS A 171 -32.33 -5.13 7.55
N ARG A 172 -32.02 -4.52 6.42
CA ARG A 172 -32.73 -3.31 5.99
C ARG A 172 -34.21 -3.57 5.71
N ALA A 173 -34.54 -4.74 5.18
CA ALA A 173 -35.92 -5.07 4.91
C ALA A 173 -36.69 -5.29 6.23
N ILE A 174 -36.02 -5.93 7.17
CA ILE A 174 -36.55 -6.21 8.51
C ILE A 174 -37.02 -4.91 9.21
N GLU A 175 -36.20 -3.86 9.07
CA GLU A 175 -36.50 -2.55 9.64
C GLU A 175 -37.49 -1.72 8.83
N GLY A 176 -38.00 -2.29 7.75
CA GLY A 176 -38.99 -1.62 6.91
C GLY A 176 -38.47 -0.73 5.77
N THR A 177 -37.15 -0.68 5.54
CA THR A 177 -36.57 0.15 4.44
C THR A 177 -35.70 -0.70 3.47
N PRO A 178 -36.35 -1.52 2.62
CA PRO A 178 -35.65 -2.28 1.59
C PRO A 178 -35.01 -1.39 0.51
N THR A 179 -34.18 -1.98 -0.35
CA THR A 179 -33.63 -1.29 -1.52
C THR A 179 -34.41 -1.65 -2.78
N ILE A 180 -35.11 -0.67 -3.34
CA ILE A 180 -35.98 -0.88 -4.48
C ILE A 180 -35.33 -0.38 -5.77
N GLU A 181 -35.45 -1.16 -6.85
CA GLU A 181 -34.99 -0.74 -8.20
C GLU A 181 -35.93 -1.21 -9.35
N ASN A 182 -36.45 -0.24 -10.10
CA ASN A 182 -37.47 -0.49 -11.12
C ASN A 182 -38.59 -1.27 -10.45
N GLY A 183 -38.97 -0.84 -9.25
CA GLY A 183 -40.04 -1.48 -8.48
C GLY A 183 -39.78 -2.92 -8.04
N VAL A 184 -38.54 -3.27 -7.74
CA VAL A 184 -38.18 -4.65 -7.31
C VAL A 184 -37.09 -4.63 -6.25
N PRO A 185 -37.28 -5.36 -5.14
CA PRO A 185 -36.17 -5.51 -4.18
C PRO A 185 -34.90 -6.08 -4.81
N THR A 186 -33.82 -5.32 -4.68
CA THR A 186 -32.55 -5.68 -5.30
C THR A 186 -31.43 -5.42 -4.30
N VAL A 187 -30.66 -6.46 -4.02
CA VAL A 187 -29.46 -6.31 -3.22
C VAL A 187 -28.42 -5.58 -4.06
N PRO A 188 -27.76 -4.57 -3.48
CA PRO A 188 -26.79 -3.81 -4.24
C PRO A 188 -25.44 -4.50 -4.27
N ASN A 189 -24.48 -3.83 -4.93
CA ASN A 189 -23.13 -4.29 -5.07
C ASN A 189 -23.10 -5.61 -5.81
N VAL A 190 -23.97 -5.71 -6.81
CA VAL A 190 -23.92 -6.78 -7.80
C VAL A 190 -22.58 -6.64 -8.50
N PHE A 191 -21.96 -7.79 -8.72
CA PHE A 191 -20.72 -7.94 -9.42
C PHE A 191 -20.96 -8.73 -10.69
N LYS A 192 -20.29 -8.34 -11.76
CA LYS A 192 -20.28 -9.05 -13.02
C LYS A 192 -18.83 -9.41 -13.34
N VAL A 193 -18.47 -10.67 -13.29
CA VAL A 193 -17.07 -11.07 -13.42
C VAL A 193 -16.93 -12.36 -14.21
N THR A 194 -15.85 -12.50 -14.98
CA THR A 194 -15.58 -13.77 -15.69
C THR A 194 -14.88 -14.78 -14.77
N LEU A 195 -15.07 -16.06 -15.08
CA LEU A 195 -14.41 -17.16 -14.38
C LEU A 195 -12.91 -16.96 -14.39
N GLY A 196 -12.39 -16.55 -15.54
CA GLY A 196 -10.97 -16.36 -15.72
C GLY A 196 -10.43 -15.29 -14.79
N GLU A 197 -11.17 -14.19 -14.62
CA GLU A 197 -10.79 -13.17 -13.65
C GLU A 197 -10.84 -13.72 -12.22
N ILE A 198 -11.78 -14.61 -11.92
CA ILE A 198 -11.94 -15.08 -10.54
C ILE A 198 -10.80 -16.02 -10.14
N VAL A 199 -10.54 -16.97 -11.02
CA VAL A 199 -9.49 -17.97 -10.89
C VAL A 199 -8.14 -17.27 -10.79
N ASP A 200 -7.90 -16.29 -11.65
CA ASP A 200 -6.64 -15.58 -11.67
C ASP A 200 -6.37 -14.85 -10.35
N LEU A 201 -7.41 -14.28 -9.78
CA LEU A 201 -7.31 -13.67 -8.46
C LEU A 201 -7.01 -14.70 -7.34
N LEU A 202 -7.63 -15.87 -7.40
CA LEU A 202 -7.42 -16.87 -6.38
C LEU A 202 -6.01 -17.43 -6.43
N TYR A 203 -5.51 -17.73 -7.63
CA TYR A 203 -4.15 -18.20 -7.76
C TYR A 203 -3.18 -17.12 -7.35
N LYS A 204 -3.58 -15.88 -7.54
CA LYS A 204 -2.77 -14.78 -7.11
C LYS A 204 -2.67 -14.79 -5.59
N PHE A 205 -3.83 -14.91 -4.92
CA PHE A 205 -3.84 -14.90 -3.48
C PHE A 205 -2.89 -15.97 -2.89
N LYS A 206 -2.91 -17.17 -3.46
CA LYS A 206 -1.99 -18.21 -3.07
C LYS A 206 -0.51 -17.89 -3.31
N GLN A 207 -0.21 -17.45 -4.51
CA GLN A 207 1.16 -17.11 -4.91
C GLN A 207 1.74 -15.96 -4.05
N SER A 208 0.87 -15.13 -3.49
CA SER A 208 1.29 -14.05 -2.62
C SER A 208 1.98 -14.53 -1.36
N ARG A 209 1.72 -15.75 -0.90
CA ARG A 209 2.49 -16.20 0.25
C ARG A 209 3.98 -16.34 -0.12
N LEU A 210 4.28 -16.55 -1.40
CA LEU A 210 5.65 -16.64 -1.92
C LEU A 210 6.25 -15.31 -2.28
N ASP A 211 5.46 -14.37 -2.78
CA ASP A 211 6.04 -13.10 -3.28
C ASP A 211 5.76 -11.90 -2.39
N ARG A 212 5.06 -12.11 -1.27
CA ARG A 212 4.80 -11.11 -0.22
C ARG A 212 3.81 -10.03 -0.60
N THR A 213 3.19 -10.15 -1.77
CA THR A 213 2.37 -9.09 -2.28
C THR A 213 1.01 -9.09 -1.58
N LEU A 214 0.24 -8.02 -1.75
CA LEU A 214 -1.08 -7.85 -1.14
C LEU A 214 -2.17 -7.61 -2.19
N PRO A 215 -3.39 -8.03 -1.92
CA PRO A 215 -4.42 -7.72 -2.89
C PRO A 215 -4.76 -6.24 -2.95
N LYS A 216 -5.48 -5.85 -4.02
CA LYS A 216 -5.92 -4.50 -4.22
C LYS A 216 -7.26 -4.30 -3.54
N LEU A 217 -7.21 -3.68 -2.37
CA LEU A 217 -8.30 -3.73 -1.40
C LEU A 217 -9.27 -2.57 -1.54
N ASP A 218 -9.09 -1.70 -2.52
CA ASP A 218 -10.17 -0.78 -2.85
C ASP A 218 -10.88 -1.28 -4.09
N ASN A 219 -10.63 -2.52 -4.48
CA ASN A 219 -11.55 -3.17 -5.41
C ASN A 219 -12.45 -4.07 -4.56
N LEU A 220 -13.73 -3.72 -4.53
CA LEU A 220 -14.70 -4.31 -3.66
C LEU A 220 -14.81 -5.84 -3.90
N PHE A 221 -14.94 -6.25 -5.16
CA PHE A 221 -15.05 -7.66 -5.45
C PHE A 221 -13.78 -8.39 -4.98
N GLU A 222 -12.61 -7.90 -5.35
CA GLU A 222 -11.36 -8.52 -4.94
C GLU A 222 -11.22 -8.54 -3.41
N LYS A 223 -11.63 -7.48 -2.75
CA LYS A 223 -11.57 -7.43 -1.30
C LYS A 223 -12.45 -8.53 -0.73
N ASP A 224 -13.68 -8.61 -1.25
CA ASP A 224 -14.68 -9.58 -0.73
C ASP A 224 -14.15 -10.97 -1.01
N LEU A 225 -13.61 -11.19 -2.21
CA LEU A 225 -13.13 -12.52 -2.61
C LEU A 225 -11.94 -12.95 -1.78
N TYR A 226 -11.05 -12.01 -1.44
CA TYR A 226 -9.90 -12.32 -0.62
C TYR A 226 -10.32 -12.82 0.76
N SER A 227 -11.28 -12.16 1.39
CA SER A 227 -11.74 -12.58 2.72
C SER A 227 -12.40 -13.96 2.58
N THR A 228 -13.21 -14.14 1.53
CA THR A 228 -13.84 -15.40 1.22
C THR A 228 -12.79 -16.51 1.07
N TYR A 229 -11.75 -16.25 0.31
CA TYR A 229 -10.73 -17.28 0.05
C TYR A 229 -10.07 -17.74 1.35
N LEU A 230 -9.80 -16.77 2.25
CA LEU A 230 -9.08 -17.06 3.49
C LEU A 230 -9.91 -17.95 4.37
N SER A 231 -11.24 -17.82 4.30
CA SER A 231 -12.10 -18.70 5.11
C SER A 231 -12.00 -20.18 4.71
N TYR A 232 -11.46 -20.50 3.51
CA TYR A 232 -11.30 -21.88 3.03
C TYR A 232 -9.92 -22.55 3.38
N LEU A 233 -9.06 -21.81 4.06
CA LEU A 233 -7.75 -22.34 4.41
C LEU A 233 -7.90 -23.52 5.36
N PRO A 234 -7.18 -24.63 5.09
CA PRO A 234 -7.09 -25.69 6.09
C PRO A 234 -6.63 -25.14 7.42
N SER A 235 -7.25 -25.65 8.48
CA SER A 235 -6.86 -25.34 9.87
C SER A 235 -5.36 -25.36 10.12
N THR A 236 -4.63 -26.25 9.41
CA THR A 236 -3.16 -26.35 9.58
C THR A 236 -2.35 -25.39 8.73
N ASP A 237 -3.02 -24.49 8.04
CA ASP A 237 -2.44 -23.71 6.96
C ASP A 237 -2.62 -22.22 7.16
N PHE A 238 -2.97 -21.77 8.36
CA PHE A 238 -3.13 -20.35 8.55
C PHE A 238 -1.81 -19.54 8.56
N SER A 239 -0.68 -20.21 8.77
CA SER A 239 0.56 -19.49 8.78
C SER A 239 1.46 -19.88 7.56
N TYR A 240 2.50 -19.09 7.30
CA TYR A 240 3.40 -19.43 6.21
C TYR A 240 4.76 -18.83 6.43
N PRO A 241 5.83 -19.56 6.07
CA PRO A 241 7.16 -19.05 6.44
C PRO A 241 7.55 -17.78 5.64
N LEU A 242 8.11 -16.77 6.28
CA LEU A 242 8.93 -15.79 5.62
C LEU A 242 10.40 -16.27 5.50
N LEU A 243 11.18 -15.60 4.67
CA LEU A 243 12.57 -15.98 4.42
C LEU A 243 13.48 -15.10 5.24
N MET A 244 14.10 -15.65 6.25
CA MET A 244 14.91 -14.86 7.13
C MET A 244 16.33 -15.01 6.59
N ASN A 245 16.86 -13.95 6.04
CA ASN A 245 18.25 -13.95 5.62
C ASN A 245 19.05 -13.71 6.86
N VAL A 246 19.76 -14.74 7.30
CA VAL A 246 20.39 -14.82 8.62
C VAL A 246 21.92 -14.88 8.46
N ASP A 247 22.63 -14.16 9.32
CA ASP A 247 24.09 -14.34 9.42
C ASP A 247 24.52 -13.98 10.83
N ASP A 248 25.80 -13.79 11.10
CA ASP A 248 26.21 -13.58 12.50
C ASP A 248 25.92 -12.16 13.03
N ARG A 249 25.34 -11.33 12.19
CA ARG A 249 24.99 -9.96 12.50
C ARG A 249 23.52 -9.79 12.86
N GLY A 250 22.72 -10.80 12.58
CA GLY A 250 21.30 -10.71 12.79
C GLY A 250 20.55 -11.33 11.62
N SER A 251 19.44 -10.70 11.24
CA SER A 251 18.67 -11.16 10.13
C SER A 251 17.95 -9.98 9.41
N PHE A 252 17.37 -10.27 8.25
CA PHE A 252 16.57 -9.30 7.50
C PHE A 252 15.47 -10.03 6.70
N THR A 253 14.22 -9.66 6.90
CA THR A 253 13.11 -10.51 6.51
C THR A 253 12.04 -9.63 5.93
N GLU A 254 11.71 -9.91 4.67
CA GLU A 254 10.66 -9.18 3.92
C GLU A 254 9.36 -9.76 4.33
N PHE A 255 8.40 -8.87 4.54
CA PHE A 255 7.11 -9.19 5.14
C PHE A 255 6.02 -8.94 4.13
N ILE A 256 5.96 -7.69 3.68
CA ILE A 256 5.03 -7.29 2.64
C ILE A 256 5.59 -6.34 1.61
N LYS A 257 5.20 -6.61 0.36
CA LYS A 257 5.53 -5.82 -0.85
C LYS A 257 4.28 -5.36 -1.65
N THR A 258 4.26 -4.10 -2.07
CA THR A 258 3.25 -3.61 -2.99
C THR A 258 3.90 -2.80 -4.10
N PRO A 259 3.25 -2.71 -5.28
CA PRO A 259 3.81 -1.82 -6.32
C PRO A 259 3.53 -0.33 -6.08
N ASP A 260 2.68 0.01 -5.09
CA ASP A 260 2.19 1.38 -4.97
C ASP A 260 2.19 2.00 -3.57
N ARG A 261 2.40 1.21 -2.54
CA ARG A 261 2.48 1.73 -1.17
C ARG A 261 3.76 1.29 -0.42
N GLY A 262 4.74 0.85 -1.19
CA GLY A 262 6.06 0.43 -0.66
C GLY A 262 6.08 -0.97 -0.11
N GLN A 263 7.11 -1.26 0.66
CA GLN A 263 7.45 -2.58 1.08
C GLN A 263 7.80 -2.47 2.58
N VAL A 264 7.31 -3.35 3.48
CA VAL A 264 7.80 -3.42 4.86
C VAL A 264 8.60 -4.69 5.17
N SER A 265 9.72 -4.49 5.86
CA SER A 265 10.61 -5.58 6.20
C SER A 265 10.98 -5.46 7.65
N VAL A 266 11.60 -6.48 8.16
CA VAL A 266 12.02 -6.47 9.54
C VAL A 266 13.53 -6.68 9.61
N ASN A 267 14.26 -5.69 10.09
CA ASN A 267 15.70 -5.83 10.35
C ASN A 267 15.97 -6.17 11.81
N ILE A 268 16.84 -7.16 12.00
CA ILE A 268 17.29 -7.46 13.35
C ILE A 268 18.81 -7.44 13.45
N SER A 269 19.31 -6.62 14.35
CA SER A 269 20.72 -6.56 14.61
C SER A 269 21.07 -7.00 16.01
N LYS A 270 22.05 -7.87 16.08
CA LYS A 270 22.64 -8.31 17.34
C LYS A 270 23.40 -7.17 18.04
N PRO A 271 23.71 -7.34 19.34
CA PRO A 271 24.49 -6.30 20.01
C PRO A 271 25.77 -5.92 19.30
N GLY A 272 26.07 -4.63 19.28
CA GLY A 272 27.30 -4.11 18.72
C GLY A 272 27.30 -4.00 17.21
N ILE A 273 26.17 -4.32 16.58
CA ILE A 273 26.15 -4.41 15.13
C ILE A 273 25.73 -3.12 14.45
N THR A 274 26.48 -2.73 13.44
CA THR A 274 26.13 -1.63 12.59
C THR A 274 25.79 -2.19 11.21
N LYS A 275 24.74 -1.61 10.60
CA LYS A 275 24.29 -1.92 9.27
C LYS A 275 24.00 -0.64 8.46
N GLY A 276 24.10 -0.77 7.15
CA GLY A 276 23.73 0.31 6.26
C GLY A 276 24.97 0.99 5.66
N ASN A 277 25.20 2.24 5.99
CA ASN A 277 26.26 3.03 5.37
C ASN A 277 26.04 3.13 3.86
N HIS A 278 24.79 3.45 3.49
CA HIS A 278 24.50 3.77 2.12
C HIS A 278 23.57 4.94 1.90
N TRP A 279 23.48 5.36 0.64
CA TRP A 279 22.57 6.42 0.25
C TRP A 279 21.86 6.14 -1.06
N HIS A 280 20.81 6.91 -1.34
CA HIS A 280 20.15 6.85 -2.64
C HIS A 280 19.85 8.21 -3.15
N HIS A 281 19.51 8.26 -4.43
CA HIS A 281 19.02 9.47 -5.09
C HIS A 281 17.56 9.70 -4.83
N THR A 282 16.77 8.63 -4.92
CA THR A 282 15.29 8.74 -4.91
C THR A 282 14.59 7.72 -3.97
N LYS A 283 15.14 6.52 -3.86
CA LYS A 283 14.68 5.58 -2.86
C LYS A 283 14.77 6.19 -1.45
N ASN A 284 13.78 5.88 -0.63
CA ASN A 284 13.77 6.31 0.75
C ASN A 284 13.02 5.31 1.64
N GLU A 285 13.27 5.46 2.94
CA GLU A 285 12.77 4.55 3.91
C GLU A 285 12.18 5.23 5.13
N LYS A 286 11.57 4.40 5.97
CA LYS A 286 11.15 4.79 7.30
C LYS A 286 11.58 3.71 8.25
N PHE A 287 12.28 4.10 9.31
CA PHE A 287 12.63 3.15 10.36
C PHE A 287 11.73 3.36 11.56
N LEU A 288 11.33 2.26 12.17
CA LEU A 288 10.60 2.28 13.37
C LEU A 288 11.18 1.18 14.28
N VAL A 289 11.95 1.57 15.30
CA VAL A 289 12.52 0.62 16.24
C VAL A 289 11.42 0.18 17.25
N VAL A 290 11.10 -1.11 17.25
CA VAL A 290 10.05 -1.65 18.09
C VAL A 290 10.54 -2.51 19.25
N SER A 291 11.84 -2.86 19.28
CA SER A 291 12.40 -3.61 20.38
C SER A 291 13.91 -3.34 20.44
N GLY A 292 14.38 -2.97 21.62
CA GLY A 292 15.75 -2.67 21.84
C GLY A 292 15.96 -1.21 21.61
N LYS A 293 17.25 -0.81 21.55
CA LYS A 293 17.68 0.58 21.45
C LYS A 293 19.00 0.81 20.72
N GLY A 294 19.09 1.93 20.04
CA GLY A 294 20.31 2.26 19.37
C GLY A 294 20.29 3.62 18.74
N VAL A 295 20.87 3.73 17.56
CA VAL A 295 21.05 5.02 16.95
C VAL A 295 20.96 4.87 15.44
N ILE A 296 20.29 5.79 14.81
CA ILE A 296 20.29 5.94 13.37
C ILE A 296 21.07 7.22 13.03
N ARG A 297 22.05 7.08 12.15
CA ARG A 297 22.97 8.18 11.78
C ARG A 297 22.79 8.68 10.35
N PHE A 298 23.06 9.97 10.13
CA PHE A 298 22.89 10.56 8.81
C PHE A 298 24.02 11.48 8.48
N ARG A 299 24.46 11.44 7.22
CA ARG A 299 25.37 12.44 6.68
C ARG A 299 25.07 12.76 5.22
N HIS A 300 24.97 14.04 4.93
CA HIS A 300 24.85 14.55 3.59
C HIS A 300 26.04 14.06 2.79
N VAL A 301 25.80 13.49 1.61
CA VAL A 301 26.90 13.09 0.72
C VAL A 301 28.04 14.12 0.57
N ASN A 302 27.74 15.43 0.46
CA ASN A 302 28.85 16.39 0.30
C ASN A 302 29.35 17.11 1.57
N ASP A 303 28.98 16.65 2.75
CA ASP A 303 29.21 17.39 3.98
C ASP A 303 29.86 16.48 4.97
N ASP A 304 30.28 17.07 6.09
CA ASP A 304 30.87 16.32 7.16
C ASP A 304 29.96 16.21 8.37
N GLU A 305 28.86 16.96 8.40
CA GLU A 305 28.00 16.97 9.58
C GLU A 305 27.28 15.63 9.75
N ILE A 306 27.50 14.97 10.88
CA ILE A 306 26.81 13.73 11.17
C ILE A 306 25.66 14.04 12.11
N ILE A 307 24.46 13.59 11.73
CA ILE A 307 23.25 13.79 12.51
C ILE A 307 22.87 12.44 13.08
N GLU A 308 22.67 12.37 14.40
CA GLU A 308 22.29 11.14 15.05
C GLU A 308 20.92 11.17 15.74
N TYR A 309 20.14 10.11 15.55
CA TYR A 309 18.86 9.92 16.23
C TYR A 309 18.95 8.71 17.14
N TYR A 310 18.87 8.96 18.45
CA TYR A 310 18.87 7.89 19.46
C TYR A 310 17.45 7.44 19.70
N VAL A 311 17.14 6.19 19.34
CA VAL A 311 15.76 5.67 19.38
C VAL A 311 15.67 4.32 20.06
N SER A 312 14.47 3.98 20.52
CA SER A 312 14.21 2.65 21.11
C SER A 312 12.73 2.31 21.14
N GLY A 313 12.47 1.05 21.42
CA GLY A 313 11.13 0.51 21.46
C GLY A 313 10.28 0.97 22.61
N ASP A 314 10.87 1.72 23.54
CA ASP A 314 10.12 2.26 24.68
C ASP A 314 9.28 3.43 24.24
N LYS A 315 9.72 4.10 23.17
CA LYS A 315 9.05 5.27 22.64
C LYS A 315 9.04 5.22 21.09
N LEU A 316 7.91 4.81 20.53
CA LEU A 316 7.80 4.55 19.12
C LEU A 316 7.72 5.84 18.30
N GLU A 317 8.80 6.06 17.53
CA GLU A 317 8.87 7.18 16.64
C GLU A 317 9.38 6.69 15.30
N VAL A 318 8.85 7.30 14.26
CA VAL A 318 9.28 6.94 12.93
C VAL A 318 10.43 7.85 12.53
N VAL A 319 11.47 7.25 11.95
CA VAL A 319 12.54 8.06 11.43
C VAL A 319 12.54 7.93 9.90
N ASP A 320 12.16 9.02 9.18
CA ASP A 320 12.33 9.09 7.72
C ASP A 320 13.80 9.07 7.37
N ILE A 321 14.15 8.34 6.31
CA ILE A 321 15.48 8.26 5.77
C ILE A 321 15.58 9.07 4.48
N PRO A 322 15.95 10.36 4.57
CA PRO A 322 15.87 11.18 3.35
C PRO A 322 16.98 10.95 2.31
N VAL A 323 16.63 11.17 1.04
CA VAL A 323 17.52 10.96 -0.08
C VAL A 323 18.70 11.90 -0.03
N GLY A 324 19.83 11.44 -0.51
CA GLY A 324 21.03 12.23 -0.55
C GLY A 324 21.79 12.23 0.75
N TYR A 325 21.28 11.53 1.79
CA TYR A 325 22.06 11.33 3.03
C TYR A 325 22.52 9.90 3.13
N THR A 326 23.80 9.69 3.34
CA THR A 326 24.20 8.36 3.76
C THR A 326 23.78 8.15 5.23
N HIS A 327 23.48 6.93 5.61
CA HIS A 327 22.94 6.64 6.93
C HIS A 327 23.32 5.26 7.36
N ASN A 328 23.37 5.04 8.67
CA ASN A 328 23.53 3.69 9.19
C ASN A 328 22.70 3.54 10.43
N ILE A 329 22.57 2.30 10.87
CA ILE A 329 21.81 2.00 12.08
C ILE A 329 22.65 1.08 12.95
N GLU A 330 22.74 1.40 14.24
CA GLU A 330 23.55 0.65 15.15
C GLU A 330 22.79 0.32 16.46
N ASN A 331 22.94 -0.92 16.92
CA ASN A 331 22.39 -1.42 18.18
C ASN A 331 23.31 -1.02 19.31
N LEU A 332 22.83 -0.23 20.26
CA LEU A 332 23.66 0.20 21.41
C LEU A 332 23.31 -0.51 22.69
N GLY A 333 22.51 -1.59 22.62
CA GLY A 333 22.10 -2.33 23.83
C GLY A 333 22.57 -3.78 23.94
N ASP A 334 21.94 -4.47 24.87
CA ASP A 334 22.21 -5.83 25.34
C ASP A 334 21.53 -6.92 24.60
N THR A 335 20.46 -6.52 23.95
CA THR A 335 19.59 -7.44 23.28
C THR A 335 19.50 -7.07 21.83
N ASP A 336 18.90 -7.98 21.07
CA ASP A 336 18.65 -7.76 19.69
C ASP A 336 17.87 -6.49 19.51
N MET A 337 18.23 -5.74 18.46
CA MET A 337 17.55 -4.52 18.12
C MET A 337 16.68 -4.74 16.86
N VAL A 338 15.36 -4.61 17.04
CA VAL A 338 14.34 -4.97 16.03
C VAL A 338 13.75 -3.73 15.42
N THR A 339 14.03 -3.53 14.14
CA THR A 339 13.54 -2.38 13.39
C THR A 339 12.66 -2.77 12.17
N ILE A 340 11.47 -2.21 12.17
CA ILE A 340 10.62 -2.30 11.02
C ILE A 340 11.06 -1.24 10.02
N MET A 341 11.19 -1.64 8.77
CA MET A 341 11.79 -0.79 7.73
C MET A 341 10.86 -0.74 6.53
N TRP A 342 10.23 0.40 6.33
CA TRP A 342 9.41 0.59 5.13
C TRP A 342 10.33 1.20 4.07
N VAL A 343 10.26 0.74 2.82
CA VAL A 343 10.94 1.39 1.69
C VAL A 343 9.91 1.76 0.61
N ASN A 344 10.16 2.86 -0.09
CA ASN A 344 9.20 3.47 -0.99
C ASN A 344 8.95 2.68 -2.29
N GLU A 345 9.75 1.64 -2.57
CA GLU A 345 9.69 0.91 -3.83
C GLU A 345 10.36 -0.46 -3.73
N MET A 346 9.77 -1.46 -4.38
CA MET A 346 10.40 -2.77 -4.50
C MET A 346 11.76 -2.62 -5.18
N PHE A 347 12.70 -3.45 -4.78
CA PHE A 347 14.02 -3.49 -5.38
C PHE A 347 13.95 -3.85 -6.86
N ASP A 348 14.66 -3.06 -7.65
CA ASP A 348 14.66 -3.19 -9.08
C ASP A 348 16.13 -3.41 -9.46
N PRO A 349 16.46 -4.57 -10.05
CA PRO A 349 17.89 -4.82 -10.36
C PRO A 349 18.51 -3.82 -11.34
N ASN A 350 17.68 -3.26 -12.24
CA ASN A 350 18.11 -2.24 -13.22
C ASN A 350 18.34 -0.83 -12.66
N GLN A 351 17.76 -0.56 -11.48
CA GLN A 351 17.89 0.72 -10.78
C GLN A 351 18.00 0.44 -9.27
N PRO A 352 19.08 -0.24 -8.83
CA PRO A 352 19.27 -0.53 -7.38
C PRO A 352 19.36 0.75 -6.52
N ASP A 353 19.82 1.84 -7.16
CA ASP A 353 19.87 3.18 -6.59
C ASP A 353 20.43 3.21 -5.16
N THR A 354 21.52 2.49 -4.97
CA THR A 354 22.13 2.34 -3.65
C THR A 354 23.64 2.50 -3.75
N TYR A 355 24.22 3.41 -3.01
CA TYR A 355 25.64 3.65 -3.11
C TYR A 355 26.24 3.55 -1.73
N PHE A 356 27.31 2.79 -1.64
CA PHE A 356 27.99 2.60 -0.40
C PHE A 356 28.83 3.88 -0.06
N LEU A 357 28.67 4.38 1.16
CA LEU A 357 29.42 5.51 1.71
C LEU A 357 29.33 5.48 3.25
N GLU A 358 30.49 5.36 3.86
CA GLU A 358 30.63 5.29 5.31
C GLU A 358 30.22 6.63 5.89
N VAL A 359 29.31 6.59 6.85
CA VAL A 359 28.94 7.81 7.58
C VAL A 359 30.21 8.30 8.27
N MET B 4 37.28 8.57 -20.01
CA MET B 4 36.93 9.85 -20.69
C MET B 4 37.04 11.04 -19.72
N ASN B 5 37.51 12.20 -20.20
CA ASN B 5 37.62 13.43 -19.41
C ASN B 5 36.38 14.24 -19.66
N ILE B 6 35.61 14.49 -18.61
CA ILE B 6 34.35 15.18 -18.73
C ILE B 6 34.37 16.45 -17.90
N VAL B 7 34.18 17.59 -18.56
CA VAL B 7 34.07 18.86 -17.89
C VAL B 7 32.62 19.15 -17.55
N ILE B 8 32.39 19.56 -16.32
CA ILE B 8 31.10 20.07 -15.93
C ILE B 8 31.32 21.52 -15.53
N THR B 9 30.85 22.44 -16.38
CA THR B 9 30.77 23.83 -16.00
C THR B 9 29.53 23.95 -15.12
N GLY B 10 29.47 24.99 -14.29
CA GLY B 10 28.44 25.16 -13.26
C GLY B 10 28.25 23.94 -12.36
N ALA B 11 29.33 23.27 -12.00
CA ALA B 11 29.31 22.03 -11.23
C ALA B 11 28.85 22.16 -9.79
N LYS B 12 28.88 23.37 -9.23
CA LYS B 12 28.34 23.58 -7.88
C LYS B 12 26.85 23.85 -7.88
N GLY B 13 26.24 23.93 -9.05
CA GLY B 13 24.81 24.14 -9.11
C GLY B 13 23.99 22.88 -8.83
N PHE B 14 22.69 23.09 -8.85
CA PHE B 14 21.71 22.07 -8.49
C PHE B 14 21.96 20.83 -9.32
N VAL B 15 21.97 21.00 -10.63
CA VAL B 15 22.17 19.88 -11.54
C VAL B 15 23.60 19.35 -11.45
N GLY B 16 24.58 20.23 -11.37
CA GLY B 16 25.96 19.81 -11.33
C GLY B 16 26.23 18.88 -10.19
N LYS B 17 25.84 19.28 -9.00
CA LYS B 17 26.11 18.47 -7.84
C LYS B 17 25.47 17.09 -7.99
N ASN B 18 24.24 17.07 -8.49
CA ASN B 18 23.56 15.78 -8.75
C ASN B 18 24.33 14.95 -9.75
N LEU B 19 24.73 15.55 -10.87
CA LEU B 19 25.44 14.82 -11.91
C LEU B 19 26.81 14.34 -11.42
N LYS B 20 27.52 15.20 -10.71
CA LYS B 20 28.87 14.89 -10.24
C LYS B 20 28.84 13.67 -9.36
N ALA B 21 27.93 13.65 -8.41
CA ALA B 21 27.79 12.54 -7.47
C ALA B 21 27.44 11.23 -8.19
N ASP B 22 26.66 11.32 -9.26
CA ASP B 22 26.23 10.14 -9.97
C ASP B 22 27.37 9.56 -10.78
N LEU B 23 28.04 10.42 -11.56
CA LEU B 23 29.12 9.96 -12.43
C LEU B 23 30.28 9.35 -11.64
N THR B 24 30.65 9.98 -10.53
CA THR B 24 31.73 9.42 -9.72
C THR B 24 31.23 8.16 -9.00
N SER B 25 29.93 7.97 -8.88
CA SER B 25 29.42 6.75 -8.30
C SER B 25 29.27 5.61 -9.28
N THR B 26 29.06 5.88 -10.57
CA THR B 26 28.63 4.83 -11.50
C THR B 26 29.46 4.71 -12.77
N THR B 27 30.56 5.47 -12.84
CA THR B 27 31.47 5.40 -14.00
C THR B 27 32.92 5.60 -13.54
N ASP B 28 33.88 5.37 -14.45
CA ASP B 28 35.33 5.55 -14.19
C ASP B 28 35.88 6.82 -14.86
N HIS B 29 34.99 7.72 -15.28
CA HIS B 29 35.35 8.93 -16.04
C HIS B 29 36.00 9.99 -15.19
N HIS B 30 36.95 10.70 -15.75
CA HIS B 30 37.65 11.74 -15.01
C HIS B 30 36.82 13.01 -15.10
N ILE B 31 36.31 13.44 -13.95
CA ILE B 31 35.41 14.59 -13.84
C ILE B 31 36.24 15.82 -13.52
N PHE B 32 36.12 16.83 -14.37
CA PHE B 32 36.76 18.11 -14.16
C PHE B 32 35.64 19.08 -13.83
N GLU B 33 35.48 19.36 -12.54
CA GLU B 33 34.54 20.34 -12.08
C GLU B 33 35.05 21.72 -12.41
N VAL B 34 34.20 22.52 -13.05
CA VAL B 34 34.48 23.94 -13.27
C VAL B 34 33.34 24.74 -12.69
N HIS B 35 33.71 25.87 -12.08
CA HIS B 35 32.77 26.69 -11.31
C HIS B 35 33.43 28.00 -11.02
N ARG B 36 32.81 28.86 -10.23
CA ARG B 36 33.33 30.19 -10.02
C ARG B 36 34.65 30.30 -9.19
N GLN B 37 35.04 29.23 -8.50
CA GLN B 37 36.35 29.14 -7.79
C GLN B 37 37.51 28.58 -8.68
N THR B 38 37.18 28.17 -9.90
CA THR B 38 38.16 27.75 -10.88
C THR B 38 38.97 28.95 -11.41
N LYS B 39 40.28 28.80 -11.49
CA LYS B 39 41.11 29.85 -12.07
C LYS B 39 41.02 29.75 -13.58
N GLU B 40 41.20 30.87 -14.25
CA GLU B 40 41.16 30.92 -15.70
C GLU B 40 42.11 29.89 -16.33
N GLU B 41 43.32 29.77 -15.77
CA GLU B 41 44.29 28.74 -16.18
C GLU B 41 43.72 27.33 -16.13
N GLU B 42 43.01 27.00 -15.05
CA GLU B 42 42.48 25.65 -14.89
C GLU B 42 41.19 25.43 -15.71
N LEU B 43 40.50 26.51 -16.04
CA LEU B 43 39.37 26.44 -16.97
C LEU B 43 39.90 26.05 -18.35
N GLU B 44 40.85 26.82 -18.86
CA GLU B 44 41.47 26.53 -20.14
C GLU B 44 42.10 25.12 -20.20
N SER B 45 42.95 24.83 -19.24
CA SER B 45 43.61 23.53 -19.16
C SER B 45 42.56 22.43 -19.29
N ALA B 46 41.55 22.49 -18.44
CA ALA B 46 40.49 21.49 -18.44
C ALA B 46 39.73 21.39 -19.75
N LEU B 47 39.40 22.53 -20.33
CA LEU B 47 38.67 22.54 -21.60
C LEU B 47 39.45 21.93 -22.75
N LEU B 48 40.76 22.19 -22.81
CA LEU B 48 41.63 21.70 -23.90
C LEU B 48 41.92 20.20 -23.83
N LYS B 49 41.90 19.65 -22.60
CA LYS B 49 41.96 18.20 -22.39
C LYS B 49 40.60 17.49 -22.57
N ALA B 50 39.50 18.23 -22.58
CA ALA B 50 38.18 17.60 -22.46
C ALA B 50 37.76 16.73 -23.66
N ASP B 51 37.07 15.63 -23.35
CA ASP B 51 36.41 14.77 -24.36
C ASP B 51 34.93 15.06 -24.48
N PHE B 52 34.34 15.60 -23.42
CA PHE B 52 32.93 15.88 -23.39
C PHE B 52 32.72 17.05 -22.45
N ILE B 53 31.93 18.03 -22.88
CA ILE B 53 31.70 19.19 -22.07
C ILE B 53 30.23 19.25 -21.73
N VAL B 54 29.92 19.06 -20.45
CA VAL B 54 28.57 19.25 -19.94
C VAL B 54 28.49 20.65 -19.39
N HIS B 55 27.92 21.55 -20.19
CA HIS B 55 27.74 22.93 -19.79
C HIS B 55 26.39 23.19 -19.08
N LEU B 56 26.48 23.56 -17.82
CA LEU B 56 25.30 23.80 -16.98
C LEU B 56 25.09 25.27 -16.61
N ALA B 57 26.03 26.14 -16.93
CA ALA B 57 25.87 27.58 -16.65
C ALA B 57 24.97 28.15 -17.75
N GLY B 58 24.76 29.45 -17.73
CA GLY B 58 23.90 30.03 -18.78
C GLY B 58 24.43 29.91 -20.21
N VAL B 59 23.57 30.22 -21.17
CA VAL B 59 24.02 30.73 -22.44
C VAL B 59 24.52 32.14 -22.09
N GLY B 60 25.37 32.75 -22.89
CA GLY B 60 25.92 34.04 -22.52
C GLY B 60 27.43 34.15 -22.68
N SER B 61 27.98 35.28 -22.24
CA SER B 61 29.39 35.62 -22.44
C SER B 61 30.35 34.57 -21.86
N TYR B 62 30.01 34.00 -20.72
CA TYR B 62 30.79 32.89 -20.16
C TYR B 62 30.88 31.73 -21.13
N LEU B 63 29.74 31.29 -21.66
CA LEU B 63 29.73 30.21 -22.60
C LEU B 63 30.51 30.54 -23.86
N ASP B 64 30.39 31.77 -24.34
CA ASP B 64 31.11 32.14 -25.55
C ASP B 64 32.59 31.95 -25.32
N HIS B 65 33.06 32.38 -24.16
CA HIS B 65 34.46 32.23 -23.79
C HIS B 65 34.90 30.77 -23.74
N VAL B 66 34.06 29.93 -23.16
CA VAL B 66 34.30 28.49 -23.11
C VAL B 66 34.36 27.90 -24.51
N LEU B 67 33.44 28.34 -25.36
CA LEU B 67 33.39 27.88 -26.75
C LEU B 67 34.61 28.28 -27.51
N ASP B 68 35.09 29.49 -27.27
CA ASP B 68 36.27 30.03 -27.98
C ASP B 68 37.51 29.20 -27.63
N ILE B 69 37.73 28.93 -26.36
CA ILE B 69 38.81 28.03 -25.93
C ILE B 69 38.70 26.68 -26.62
N LEU B 70 37.50 26.08 -26.61
CA LEU B 70 37.28 24.77 -27.25
C LEU B 70 37.54 24.71 -28.76
N THR B 71 37.66 25.86 -29.45
CA THR B 71 38.07 25.82 -30.85
C THR B 71 39.52 25.32 -30.97
N ARG B 72 40.26 25.38 -29.87
CA ARG B 72 41.65 24.92 -29.87
C ARG B 72 41.84 23.53 -29.28
N ASN B 73 40.73 22.85 -28.95
CA ASN B 73 40.78 21.47 -28.52
C ASN B 73 40.74 20.58 -29.74
N THR B 74 41.90 20.05 -30.09
CA THR B 74 42.08 19.21 -31.28
C THR B 74 41.20 17.92 -31.41
N LYS B 75 40.87 17.27 -30.28
CA LYS B 75 39.86 16.19 -30.27
C LYS B 75 38.65 17.01 -30.36
N LYS B 76 37.60 16.53 -30.96
CA LYS B 76 36.54 17.48 -31.26
C LYS B 76 35.44 17.20 -30.28
N PRO B 77 35.61 17.59 -28.99
CA PRO B 77 34.71 16.98 -27.99
C PRO B 77 33.26 17.39 -28.14
N ALA B 78 32.34 16.52 -27.76
CA ALA B 78 30.94 16.85 -27.78
C ALA B 78 30.60 17.81 -26.64
N ILE B 79 29.60 18.67 -26.87
CA ILE B 79 29.21 19.72 -25.95
C ILE B 79 27.72 19.61 -25.70
N LEU B 80 27.33 19.64 -24.43
CA LEU B 80 25.93 19.52 -24.03
C LEU B 80 25.54 20.73 -23.21
N LEU B 81 24.42 21.36 -23.55
CA LEU B 81 23.88 22.49 -22.81
C LEU B 81 22.36 22.61 -23.04
N SER B 82 21.74 23.59 -22.39
CA SER B 82 20.30 23.84 -22.51
C SER B 82 20.10 25.32 -22.82
N SER B 83 19.28 25.62 -23.81
CA SER B 83 19.15 27.00 -24.30
C SER B 83 18.02 27.77 -23.62
N SER B 84 17.19 27.10 -22.82
CA SER B 84 16.03 27.78 -22.24
C SER B 84 16.43 28.68 -21.08
N ILE B 85 15.50 29.53 -20.64
CA ILE B 85 15.61 30.28 -19.37
C ILE B 85 14.27 30.89 -18.90
N SER B 96 8.92 31.95 -20.29
CA SER B 96 9.61 30.87 -21.00
C SER B 96 10.22 31.37 -22.31
N LYS B 97 11.53 31.64 -22.29
CA LYS B 97 12.25 32.16 -23.43
C LYS B 97 13.34 31.17 -23.90
N LEU B 98 13.80 31.34 -25.12
CA LEU B 98 14.83 30.50 -25.72
C LEU B 98 15.89 31.47 -26.25
N GLN B 99 17.17 31.26 -25.92
CA GLN B 99 18.24 32.16 -26.37
C GLN B 99 19.47 31.48 -27.00
N GLY B 100 19.97 32.09 -28.07
CA GLY B 100 21.25 31.74 -28.66
C GLY B 100 21.31 30.55 -29.60
N GLU B 101 20.18 29.91 -29.90
CA GLU B 101 20.23 28.65 -30.61
C GLU B 101 20.90 28.66 -31.97
N GLN B 102 20.64 29.67 -32.80
CA GLN B 102 21.13 29.64 -34.18
C GLN B 102 22.66 29.75 -34.21
N LEU B 103 23.18 30.65 -33.38
CA LEU B 103 24.62 30.81 -33.20
C LEU B 103 25.32 29.50 -32.81
N LEU B 104 24.70 28.70 -31.93
CA LEU B 104 25.28 27.40 -31.54
C LEU B 104 25.22 26.33 -32.63
N ARG B 105 24.21 26.37 -33.50
CA ARG B 105 24.20 25.47 -34.67
C ARG B 105 25.34 25.80 -35.61
N GLU B 106 25.59 27.09 -35.80
CA GLU B 106 26.64 27.56 -36.70
C GLU B 106 28.02 27.21 -36.17
N TYR B 107 28.19 27.32 -34.86
CA TYR B 107 29.42 26.85 -34.19
C TYR B 107 29.67 25.38 -34.48
N ALA B 108 28.69 24.53 -34.19
CA ALA B 108 28.83 23.10 -34.45
C ALA B 108 29.26 22.80 -35.87
N GLU B 109 28.72 23.54 -36.82
CA GLU B 109 28.97 23.27 -38.22
C GLU B 109 30.31 23.90 -38.70
N GLU B 110 30.74 25.02 -38.10
CA GLU B 110 32.04 25.60 -38.43
C GLU B 110 33.22 24.80 -37.88
N TYR B 111 33.11 24.26 -36.66
CA TYR B 111 34.26 23.60 -36.02
C TYR B 111 34.13 22.07 -35.91
N GLY B 112 32.94 21.53 -36.20
CA GLY B 112 32.75 20.07 -36.24
C GLY B 112 32.14 19.43 -35.02
N ASN B 113 32.33 20.03 -33.85
CA ASN B 113 31.88 19.41 -32.58
C ASN B 113 30.40 19.02 -32.65
N THR B 114 30.03 17.86 -32.13
CA THR B 114 28.62 17.53 -31.91
C THR B 114 28.14 18.41 -30.77
N VAL B 115 27.15 19.26 -31.03
CA VAL B 115 26.50 20.07 -29.99
C VAL B 115 25.03 19.68 -29.73
N TYR B 116 24.77 19.09 -28.57
CA TYR B 116 23.43 18.75 -28.14
C TYR B 116 22.79 19.93 -27.42
N ILE B 117 21.90 20.62 -28.12
CA ILE B 117 21.11 21.68 -27.52
C ILE B 117 19.84 21.07 -26.96
N TYR B 118 19.63 21.15 -25.65
CA TYR B 118 18.39 20.67 -25.03
C TYR B 118 17.48 21.87 -24.78
N ARG B 119 16.22 21.64 -24.47
CA ARG B 119 15.32 22.73 -24.08
C ARG B 119 14.63 22.42 -22.76
N TRP B 120 15.44 22.26 -21.73
CA TRP B 120 14.95 21.83 -20.46
C TRP B 120 13.92 22.81 -19.95
N PRO B 121 12.80 22.29 -19.43
CA PRO B 121 11.84 23.10 -18.74
C PRO B 121 12.34 23.37 -17.33
N ASN B 122 11.45 23.82 -16.46
CA ASN B 122 11.79 23.89 -15.04
C ASN B 122 12.09 22.53 -14.48
N LEU B 123 12.94 22.54 -13.48
CA LEU B 123 13.51 21.37 -12.89
C LEU B 123 13.18 21.30 -11.38
N PHE B 124 13.10 20.09 -10.86
CA PHE B 124 13.02 19.90 -9.42
C PHE B 124 13.79 18.65 -8.94
N GLY B 125 14.08 18.63 -7.66
CA GLY B 125 14.76 17.49 -7.06
C GLY B 125 15.60 17.98 -5.92
N LYS B 126 16.28 17.05 -5.26
CA LYS B 126 17.07 17.41 -4.09
C LYS B 126 18.29 18.28 -4.49
N TRP B 127 18.72 19.08 -3.51
CA TRP B 127 19.90 19.93 -3.56
C TRP B 127 19.70 21.23 -4.34
N CYS B 128 18.45 21.57 -4.62
CA CYS B 128 18.13 22.79 -5.30
C CYS B 128 17.92 23.80 -4.20
N LYS B 129 18.45 24.98 -4.43
CA LYS B 129 18.53 26.05 -3.47
C LYS B 129 17.14 26.70 -3.39
N PRO B 130 16.60 26.88 -2.17
CA PRO B 130 15.26 27.42 -2.00
C PRO B 130 15.30 28.92 -2.00
N ASN B 131 14.14 29.56 -2.10
CA ASN B 131 14.07 31.03 -2.12
C ASN B 131 15.07 31.62 -3.11
N TYR B 132 15.19 30.97 -4.26
CA TYR B 132 16.13 31.37 -5.30
C TYR B 132 15.37 31.27 -6.61
N ASN B 133 15.61 30.29 -7.46
CA ASN B 133 14.81 30.28 -8.69
C ASN B 133 14.04 29.01 -9.07
N SER B 134 13.84 28.12 -8.10
CA SER B 134 12.97 26.96 -8.22
C SER B 134 11.82 27.17 -7.22
N VAL B 135 10.62 27.26 -7.75
CA VAL B 135 9.43 27.44 -6.94
C VAL B 135 9.11 26.18 -6.12
N ILE B 136 9.42 25.01 -6.62
CA ILE B 136 9.16 23.77 -5.90
C ILE B 136 10.13 23.58 -4.71
N ALA B 137 11.38 24.04 -4.89
CA ALA B 137 12.34 24.03 -3.81
C ALA B 137 11.85 24.92 -2.70
N THR B 138 11.38 26.11 -3.05
CA THR B 138 10.84 27.04 -2.11
C THR B 138 9.63 26.47 -1.41
N PHE B 139 8.70 25.85 -2.14
CA PHE B 139 7.51 25.29 -1.47
C PHE B 139 7.87 24.18 -0.51
N CYS B 140 8.79 23.31 -0.91
CA CYS B 140 9.17 22.18 -0.06
C CYS B 140 9.79 22.71 1.22
N TYR B 141 10.68 23.70 1.07
CA TYR B 141 11.48 24.23 2.15
C TYR B 141 10.56 24.90 3.16
N LYS B 142 9.72 25.76 2.63
CA LYS B 142 8.77 26.49 3.44
C LYS B 142 7.75 25.58 4.13
N ILE B 143 7.18 24.66 3.37
CA ILE B 143 6.14 23.83 3.89
C ILE B 143 6.68 22.92 5.00
N ALA B 144 7.88 22.37 4.81
CA ALA B 144 8.50 21.56 5.84
C ALA B 144 8.78 22.34 7.12
N ARG B 145 8.98 23.65 7.03
CA ARG B 145 9.27 24.51 8.16
C ARG B 145 8.02 25.25 8.68
N ASN B 146 6.83 24.83 8.20
CA ASN B 146 5.55 25.43 8.63
C ASN B 146 5.50 26.93 8.34
N GLU B 147 6.14 27.29 7.24
CA GLU B 147 6.18 28.69 6.78
C GLU B 147 5.10 28.96 5.69
N GLU B 148 4.48 30.11 5.75
CA GLU B 148 3.45 30.54 4.79
C GLU B 148 4.00 30.61 3.36
N ILE B 149 3.26 30.05 2.40
CA ILE B 149 3.61 30.15 1.01
C ILE B 149 2.63 31.06 0.27
N GLN B 150 3.11 31.59 -0.86
CA GLN B 150 2.30 32.43 -1.76
C GLN B 150 1.92 31.71 -3.05
N VAL B 151 0.62 31.53 -3.26
CA VAL B 151 0.12 31.00 -4.54
C VAL B 151 -0.83 31.98 -5.21
N ASN B 152 -0.33 32.71 -6.21
CA ASN B 152 -1.14 33.76 -6.89
C ASN B 152 -2.38 33.12 -7.57
N ASP B 153 -2.14 32.01 -8.28
CA ASP B 153 -3.15 31.27 -9.04
C ASP B 153 -2.89 29.77 -9.04
N ARG B 154 -3.85 29.00 -8.55
CA ARG B 154 -3.66 27.56 -8.43
C ARG B 154 -3.69 26.83 -9.78
N ASN B 155 -4.25 27.46 -10.81
CA ASN B 155 -4.42 26.80 -12.10
C ASN B 155 -3.25 26.92 -13.03
N VAL B 156 -2.24 27.69 -12.69
CA VAL B 156 -1.03 27.75 -13.48
C VAL B 156 -0.44 26.36 -13.67
N GLU B 157 -0.19 26.01 -14.92
CA GLU B 157 0.50 24.80 -15.29
C GLU B 157 2.01 25.02 -15.36
N LEU B 158 2.74 24.10 -14.75
CA LEU B 158 4.19 24.06 -14.81
C LEU B 158 4.57 22.86 -15.62
N THR B 159 5.60 23.04 -16.46
CA THR B 159 6.20 21.93 -17.15
C THR B 159 7.52 21.61 -16.44
N LEU B 160 7.74 20.31 -16.12
CA LEU B 160 8.81 19.92 -15.22
C LEU B 160 9.60 18.68 -15.62
N ASN B 161 10.90 18.67 -15.30
CA ASN B 161 11.72 17.45 -15.29
C ASN B 161 12.38 17.30 -13.91
N TYR B 162 12.38 16.05 -13.44
CA TYR B 162 13.03 15.63 -12.25
C TYR B 162 14.52 15.52 -12.56
N VAL B 163 15.33 15.95 -11.61
CA VAL B 163 16.79 15.94 -11.74
C VAL B 163 17.37 14.57 -12.14
N ASP B 164 16.84 13.46 -11.61
CA ASP B 164 17.32 12.10 -11.98
C ASP B 164 17.19 11.87 -13.47
N ASP B 165 16.13 12.38 -14.07
CA ASP B 165 15.96 12.18 -15.51
C ASP B 165 16.91 13.08 -16.29
N ILE B 166 17.16 14.27 -15.78
CA ILE B 166 18.14 15.15 -16.39
C ILE B 166 19.51 14.48 -16.41
N VAL B 167 19.90 13.92 -15.24
CA VAL B 167 21.19 13.26 -15.06
C VAL B 167 21.31 12.10 -16.04
N ALA B 168 20.30 11.21 -16.02
CA ALA B 168 20.27 10.03 -16.88
C ALA B 168 20.30 10.33 -18.39
N GLU B 169 19.57 11.35 -18.83
CA GLU B 169 19.61 11.79 -20.24
C GLU B 169 20.98 12.30 -20.62
N ILE B 170 21.63 13.00 -19.70
CA ILE B 170 22.98 13.51 -19.89
C ILE B 170 23.99 12.35 -20.00
N LYS B 171 23.86 11.34 -19.13
CA LYS B 171 24.72 10.16 -19.19
C LYS B 171 24.56 9.40 -20.49
N ARG B 172 23.32 9.34 -20.97
CA ARG B 172 23.03 8.73 -22.26
C ARG B 172 23.66 9.51 -23.41
N ALA B 173 23.71 10.84 -23.32
CA ALA B 173 24.34 11.62 -24.36
C ALA B 173 25.85 11.40 -24.38
N ILE B 174 26.43 11.30 -23.19
CA ILE B 174 27.86 11.07 -22.97
C ILE B 174 28.33 9.82 -23.69
N GLU B 175 27.53 8.74 -23.57
CA GLU B 175 27.87 7.46 -24.20
C GLU B 175 27.34 7.37 -25.64
N GLY B 176 26.94 8.50 -26.21
CA GLY B 176 26.64 8.62 -27.64
C GLY B 176 25.22 8.30 -28.10
N THR B 177 24.31 7.97 -27.17
CA THR B 177 22.91 7.65 -27.51
C THR B 177 21.90 8.57 -26.81
N PRO B 178 21.84 9.85 -27.25
CA PRO B 178 20.82 10.77 -26.72
C PRO B 178 19.37 10.37 -27.04
N THR B 179 18.40 11.05 -26.43
CA THR B 179 16.99 10.84 -26.76
C THR B 179 16.51 11.97 -27.66
N ILE B 180 16.17 11.62 -28.90
CA ILE B 180 15.79 12.58 -29.94
C ILE B 180 14.30 12.58 -30.17
N GLU B 181 13.71 13.77 -30.30
CA GLU B 181 12.29 13.93 -30.62
C GLU B 181 12.02 15.12 -31.56
N ASN B 182 11.42 14.80 -32.72
CA ASN B 182 11.21 15.76 -33.79
C ASN B 182 12.53 16.43 -34.02
N GLY B 183 13.59 15.63 -34.09
CA GLY B 183 14.95 16.14 -34.33
C GLY B 183 15.54 17.08 -33.27
N VAL B 184 15.21 16.85 -31.99
CA VAL B 184 15.72 17.69 -30.88
C VAL B 184 15.97 16.85 -29.63
N PRO B 185 17.16 16.97 -29.02
CA PRO B 185 17.37 16.34 -27.71
C PRO B 185 16.32 16.75 -26.65
N THR B 186 15.63 15.75 -26.12
CA THR B 186 14.55 15.96 -25.17
C THR B 186 14.69 14.95 -24.06
N VAL B 187 14.76 15.46 -22.82
CA VAL B 187 14.74 14.59 -21.64
C VAL B 187 13.33 14.07 -21.49
N PRO B 188 13.17 12.76 -21.21
CA PRO B 188 11.84 12.19 -21.07
C PRO B 188 11.27 12.38 -19.69
N ASN B 189 10.05 11.85 -19.51
CA ASN B 189 9.32 11.93 -18.27
C ASN B 189 9.05 13.36 -17.90
N VAL B 190 8.77 14.17 -18.91
CA VAL B 190 8.25 15.52 -18.73
C VAL B 190 6.94 15.35 -18.01
N PHE B 191 6.73 16.24 -17.04
CA PHE B 191 5.53 16.33 -16.24
C PHE B 191 4.86 17.66 -16.50
N LYS B 192 3.53 17.64 -16.57
CA LYS B 192 2.72 18.82 -16.72
C LYS B 192 1.76 18.86 -15.53
N VAL B 193 1.91 19.80 -14.62
CA VAL B 193 1.13 19.78 -13.38
C VAL B 193 0.76 21.19 -12.95
N THR B 194 -0.41 21.37 -12.33
CA THR B 194 -0.80 22.68 -11.80
C THR B 194 -0.17 22.94 -10.41
N LEU B 195 0.01 24.22 -10.08
CA LEU B 195 0.52 24.64 -8.78
C LEU B 195 -0.34 24.07 -7.69
N GLY B 196 -1.65 24.11 -7.89
CA GLY B 196 -2.59 23.63 -6.92
C GLY B 196 -2.44 22.15 -6.64
N GLU B 197 -2.23 21.34 -7.68
CA GLU B 197 -1.92 19.93 -7.49
C GLU B 197 -0.57 19.75 -6.73
N ILE B 198 0.41 20.61 -6.97
CA ILE B 198 1.72 20.42 -6.34
C ILE B 198 1.63 20.70 -4.84
N VAL B 199 1.08 21.84 -4.52
CA VAL B 199 0.92 22.35 -3.18
C VAL B 199 0.08 21.37 -2.36
N ASP B 200 -1.01 20.88 -2.96
CA ASP B 200 -1.85 19.94 -2.28
C ASP B 200 -1.13 18.67 -1.90
N LEU B 201 -0.27 18.18 -2.81
CA LEU B 201 0.54 17.01 -2.53
C LEU B 201 1.54 17.25 -1.40
N LEU B 202 2.15 18.44 -1.37
CA LEU B 202 3.13 18.75 -0.37
C LEU B 202 2.48 18.86 1.02
N TYR B 203 1.36 19.56 1.11
CA TYR B 203 0.62 19.63 2.37
C TYR B 203 0.13 18.26 2.78
N LYS B 204 -0.16 17.42 1.79
CA LYS B 204 -0.54 16.07 2.10
C LYS B 204 0.66 15.33 2.74
N PHE B 205 1.82 15.45 2.14
CA PHE B 205 2.99 14.76 2.69
C PHE B 205 3.22 15.14 4.18
N LYS B 206 3.07 16.42 4.49
CA LYS B 206 3.18 16.89 5.87
C LYS B 206 2.12 16.32 6.83
N GLN B 207 0.87 16.41 6.40
CA GLN B 207 -0.26 15.92 7.16
C GLN B 207 -0.20 14.39 7.40
N SER B 208 0.48 13.68 6.53
CA SER B 208 0.68 12.27 6.70
C SER B 208 1.45 11.87 7.96
N ARG B 209 2.28 12.76 8.50
CA ARG B 209 2.90 12.42 9.77
C ARG B 209 1.85 12.30 10.88
N LEU B 210 0.72 13.00 10.74
CA LEU B 210 -0.42 12.95 11.68
C LEU B 210 -1.41 11.82 11.37
N ASP B 211 -1.65 11.49 10.12
CA ASP B 211 -2.67 10.49 9.79
C ASP B 211 -2.13 9.15 9.36
N ARG B 212 -0.80 8.99 9.32
CA ARG B 212 -0.09 7.74 9.02
C ARG B 212 -0.17 7.25 7.57
N THR B 213 -0.73 8.07 6.68
CA THR B 213 -0.96 7.64 5.32
C THR B 213 0.35 7.67 4.51
N LEU B 214 0.34 7.07 3.33
CA LEU B 214 1.50 6.99 2.44
C LEU B 214 1.18 7.57 1.08
N PRO B 215 2.18 8.12 0.40
CA PRO B 215 1.86 8.60 -0.92
C PRO B 215 1.58 7.47 -1.91
N LYS B 216 1.02 7.86 -3.06
CA LYS B 216 0.75 6.95 -4.13
C LYS B 216 1.99 6.84 -5.04
N LEU B 217 2.73 5.77 -4.84
CA LEU B 217 4.09 5.63 -5.34
C LEU B 217 4.19 4.95 -6.71
N ASP B 218 3.08 4.63 -7.34
CA ASP B 218 3.14 4.31 -8.75
C ASP B 218 2.66 5.50 -9.55
N ASN B 219 2.54 6.67 -8.94
CA ASN B 219 2.48 7.91 -9.72
C ASN B 219 3.90 8.54 -9.68
N LEU B 220 4.54 8.54 -10.84
CA LEU B 220 5.90 8.91 -10.99
C LEU B 220 6.18 10.33 -10.48
N PHE B 221 5.35 11.30 -10.86
CA PHE B 221 5.54 12.66 -10.38
C PHE B 221 5.43 12.72 -8.85
N GLU B 222 4.38 12.15 -8.30
CA GLU B 222 4.19 12.13 -6.85
C GLU B 222 5.34 11.40 -6.15
N LYS B 223 5.82 10.32 -6.73
CA LYS B 223 6.92 9.58 -6.15
C LYS B 223 8.15 10.47 -6.10
N ASP B 224 8.44 11.14 -7.24
CA ASP B 224 9.62 11.98 -7.37
C ASP B 224 9.47 13.15 -6.41
N LEU B 225 8.29 13.74 -6.37
CA LEU B 225 8.07 14.90 -5.50
C LEU B 225 8.20 14.54 -4.02
N TYR B 226 7.75 13.34 -3.64
CA TYR B 226 7.88 12.90 -2.25
C TYR B 226 9.32 12.81 -1.82
N SER B 227 10.19 12.22 -2.65
CA SER B 227 11.61 12.09 -2.31
C SER B 227 12.21 13.50 -2.25
N THR B 228 11.85 14.34 -3.19
CA THR B 228 12.29 15.72 -3.22
C THR B 228 11.91 16.43 -1.91
N TYR B 229 10.66 16.30 -1.50
CA TYR B 229 10.17 17.01 -0.30
C TYR B 229 10.96 16.61 0.93
N LEU B 230 11.28 15.32 1.04
CA LEU B 230 11.98 14.79 2.21
C LEU B 230 13.38 15.34 2.31
N SER B 231 14.00 15.63 1.17
CA SER B 231 15.34 16.21 1.20
C SER B 231 15.38 17.62 1.79
N TYR B 232 14.23 18.29 1.91
CA TYR B 232 14.13 19.63 2.52
C TYR B 232 13.80 19.66 4.04
N LEU B 233 13.65 18.50 4.64
CA LEU B 233 13.37 18.44 6.09
C LEU B 233 14.56 19.04 6.88
N PRO B 234 14.23 19.90 7.88
CA PRO B 234 15.25 20.28 8.83
C PRO B 234 15.92 19.06 9.46
N SER B 235 17.23 19.15 9.61
CA SER B 235 18.04 18.13 10.29
C SER B 235 17.43 17.61 11.60
N THR B 236 16.71 18.48 12.32
CA THR B 236 16.09 18.06 13.60
C THR B 236 14.71 17.45 13.47
N ASP B 237 14.27 17.22 12.24
CA ASP B 237 12.88 16.94 11.96
C ASP B 237 12.72 15.64 11.18
N PHE B 238 13.75 14.79 11.13
CA PHE B 238 13.62 13.53 10.42
C PHE B 238 12.71 12.51 11.10
N SER B 239 12.47 12.65 12.39
CA SER B 239 11.59 11.69 13.05
C SER B 239 10.27 12.36 13.49
N TYR B 240 9.27 11.53 13.81
CA TYR B 240 8.02 12.08 14.27
C TYR B 240 7.30 11.09 15.15
N PRO B 241 6.61 11.58 16.19
CA PRO B 241 6.10 10.60 17.17
C PRO B 241 4.89 9.83 16.62
N LEU B 242 4.82 8.53 16.87
CA LEU B 242 3.55 7.78 16.77
C LEU B 242 2.78 7.86 18.08
N LEU B 243 1.50 7.51 18.05
CA LEU B 243 0.65 7.58 19.24
C LEU B 243 0.57 6.19 19.86
N MET B 244 1.20 6.02 21.00
CA MET B 244 1.26 4.74 21.63
C MET B 244 0.09 4.73 22.63
N ASN B 245 -0.92 3.95 22.35
CA ASN B 245 -2.01 3.83 23.27
C ASN B 245 -1.51 2.84 24.27
N VAL B 246 -1.31 3.31 25.49
CA VAL B 246 -0.56 2.56 26.52
C VAL B 246 -1.48 2.26 27.71
N ASP B 247 -1.36 1.07 28.27
CA ASP B 247 -1.99 0.75 29.56
C ASP B 247 -1.16 -0.31 30.26
N ASP B 248 -1.64 -0.93 31.32
CA ASP B 248 -0.71 -1.86 31.99
C ASP B 248 -0.71 -3.28 31.37
N ARG B 249 -1.32 -3.41 30.18
CA ARG B 249 -1.29 -4.62 29.38
C ARG B 249 -0.26 -4.56 28.26
N GLY B 250 0.24 -3.36 27.99
CA GLY B 250 1.13 -3.16 26.89
C GLY B 250 0.74 -1.89 26.12
N SER B 251 0.87 -1.94 24.82
CA SER B 251 0.53 -0.81 24.00
C SER B 251 0.06 -1.26 22.65
N PHE B 252 -0.49 -0.31 21.90
CA PHE B 252 -0.89 -0.56 20.53
C PHE B 252 -0.70 0.73 19.70
N THR B 253 0.06 0.64 18.60
CA THR B 253 0.56 1.82 17.92
C THR B 253 0.39 1.61 16.45
N GLU B 254 -0.35 2.51 15.82
CA GLU B 254 -0.52 2.56 14.34
C GLU B 254 0.67 3.24 13.75
N PHE B 255 1.13 2.66 12.63
CA PHE B 255 2.38 2.98 11.95
C PHE B 255 2.10 3.51 10.58
N ILE B 256 1.44 2.70 9.80
CA ILE B 256 1.03 3.11 8.46
C ILE B 256 -0.36 2.67 8.05
N LYS B 257 -1.07 3.59 7.39
CA LYS B 257 -2.41 3.40 6.84
C LYS B 257 -2.50 3.72 5.29
N THR B 258 -3.14 2.84 4.53
CA THR B 258 -3.50 3.15 3.15
C THR B 258 -4.96 2.81 2.86
N PRO B 259 -5.55 3.44 1.83
CA PRO B 259 -6.93 3.01 1.48
C PRO B 259 -6.98 1.72 0.67
N ASP B 260 -5.83 1.23 0.19
CA ASP B 260 -5.83 0.16 -0.81
C ASP B 260 -4.89 -1.02 -0.58
N ARG B 261 -3.98 -0.89 0.37
CA ARG B 261 -3.08 -1.98 0.73
C ARG B 261 -3.06 -2.32 2.23
N GLY B 262 -4.09 -1.84 2.92
CA GLY B 262 -4.24 -2.07 4.35
C GLY B 262 -3.44 -1.14 5.24
N GLN B 263 -3.32 -1.55 6.49
CA GLN B 263 -2.81 -0.71 7.56
C GLN B 263 -1.86 -1.61 8.39
N VAL B 264 -0.67 -1.15 8.77
CA VAL B 264 0.16 -1.90 9.74
C VAL B 264 0.26 -1.19 11.07
N SER B 265 0.12 -1.98 12.12
CA SER B 265 0.27 -1.50 13.45
C SER B 265 1.23 -2.42 14.25
N VAL B 266 1.60 -1.96 15.42
CA VAL B 266 2.45 -2.71 16.27
C VAL B 266 1.71 -2.94 17.61
N ASN B 267 1.43 -4.18 17.89
CA ASN B 267 0.96 -4.55 19.20
C ASN B 267 2.10 -5.02 20.15
N ILE B 268 2.03 -4.55 21.42
CA ILE B 268 2.90 -5.05 22.44
C ILE B 268 2.15 -5.53 23.65
N SER B 269 2.35 -6.80 24.01
CA SER B 269 1.76 -7.36 25.21
C SER B 269 2.82 -7.77 26.23
N LYS B 270 2.59 -7.31 27.45
CA LYS B 270 3.39 -7.66 28.60
C LYS B 270 3.23 -9.16 28.93
N PRO B 271 4.15 -9.71 29.75
CA PRO B 271 3.97 -11.12 30.15
C PRO B 271 2.58 -11.43 30.74
N GLY B 272 2.05 -12.58 30.37
CA GLY B 272 0.82 -13.08 30.90
C GLY B 272 -0.42 -12.44 30.31
N ILE B 273 -0.24 -11.59 29.30
CA ILE B 273 -1.37 -10.81 28.76
C ILE B 273 -2.03 -11.48 27.54
N THR B 274 -3.35 -11.53 27.57
CA THR B 274 -4.14 -12.00 26.44
C THR B 274 -4.90 -10.78 25.89
N LYS B 275 -4.95 -10.69 24.55
CA LYS B 275 -5.68 -9.66 23.83
C LYS B 275 -6.51 -10.25 22.71
N GLY B 276 -7.57 -9.55 22.36
CA GLY B 276 -8.38 -9.95 21.22
C GLY B 276 -9.69 -10.56 21.63
N ASN B 277 -9.90 -11.83 21.34
CA ASN B 277 -11.16 -12.50 21.56
C ASN B 277 -12.26 -11.84 20.74
N HIS B 278 -11.97 -11.61 19.47
CA HIS B 278 -12.96 -11.14 18.58
C HIS B 278 -12.96 -11.77 17.20
N TRP B 279 -14.05 -11.51 16.46
CA TRP B 279 -14.13 -11.96 15.07
C TRP B 279 -14.75 -10.91 14.13
N HIS B 280 -14.58 -11.14 12.83
CA HIS B 280 -15.22 -10.30 11.86
C HIS B 280 -15.82 -11.15 10.80
N HIS B 281 -16.65 -10.49 10.00
CA HIS B 281 -17.22 -11.06 8.80
C HIS B 281 -16.28 -10.98 7.63
N THR B 282 -15.63 -9.83 7.47
CA THR B 282 -14.86 -9.52 6.24
C THR B 282 -13.46 -8.93 6.52
N LYS B 283 -13.35 -8.14 7.57
CA LYS B 283 -12.07 -7.68 8.02
C LYS B 283 -11.16 -8.87 8.37
N ASN B 284 -9.88 -8.73 8.04
CA ASN B 284 -8.90 -9.76 8.34
C ASN B 284 -7.53 -9.15 8.53
N GLU B 285 -6.67 -9.95 9.15
CA GLU B 285 -5.40 -9.47 9.56
C GLU B 285 -4.30 -10.45 9.20
N LYS B 286 -3.07 -10.01 9.47
CA LYS B 286 -1.89 -10.86 9.49
C LYS B 286 -1.07 -10.52 10.71
N PHE B 287 -0.70 -11.54 11.48
CA PHE B 287 0.18 -11.33 12.59
C PHE B 287 1.56 -11.85 12.22
N LEU B 288 2.58 -11.11 12.65
CA LEU B 288 3.95 -11.50 12.53
C LEU B 288 4.66 -11.14 13.86
N VAL B 289 4.94 -12.14 14.69
CA VAL B 289 5.60 -11.92 15.95
C VAL B 289 7.13 -11.71 15.68
N VAL B 290 7.61 -10.53 16.04
CA VAL B 290 9.00 -10.18 15.78
C VAL B 290 9.90 -10.13 17.02
N SER B 291 9.33 -10.20 18.21
CA SER B 291 10.09 -10.28 19.40
C SER B 291 9.24 -10.98 20.47
N GLY B 292 9.83 -11.98 21.11
CA GLY B 292 9.20 -12.68 22.19
C GLY B 292 8.46 -13.83 21.58
N LYS B 293 7.62 -14.48 22.40
CA LYS B 293 6.93 -15.73 22.04
C LYS B 293 5.57 -15.91 22.71
N GLY B 294 4.69 -16.57 22.00
CA GLY B 294 3.41 -16.86 22.58
C GLY B 294 2.56 -17.70 21.67
N VAL B 295 1.26 -17.40 21.63
CA VAL B 295 0.32 -18.25 20.96
C VAL B 295 -0.79 -17.40 20.39
N ILE B 296 -1.18 -17.72 19.17
CA ILE B 296 -2.37 -17.14 18.54
C ILE B 296 -3.39 -18.26 18.45
N ARG B 297 -4.59 -17.99 18.97
CA ARG B 297 -5.70 -19.00 19.04
C ARG B 297 -6.88 -18.68 18.14
N PHE B 298 -7.54 -19.72 17.65
CA PHE B 298 -8.64 -19.56 16.69
C PHE B 298 -9.76 -20.47 17.01
N ARG B 299 -10.98 -19.97 16.90
CA ARG B 299 -12.18 -20.79 16.95
C ARG B 299 -13.24 -20.30 15.99
N HIS B 300 -13.76 -21.23 15.19
CA HIS B 300 -14.92 -21.00 14.34
C HIS B 300 -16.05 -20.51 15.21
N VAL B 301 -16.69 -19.40 14.87
CA VAL B 301 -17.90 -18.93 15.57
C VAL B 301 -18.91 -20.04 15.92
N ASN B 302 -19.19 -20.98 15.03
CA ASN B 302 -20.17 -22.04 15.41
C ASN B 302 -19.66 -23.38 15.94
N ASP B 303 -18.39 -23.45 16.30
CA ASP B 303 -17.74 -24.71 16.63
C ASP B 303 -17.11 -24.58 17.97
N ASP B 304 -16.62 -25.71 18.47
CA ASP B 304 -15.89 -25.75 19.70
C ASP B 304 -14.40 -25.98 19.50
N GLU B 305 -13.96 -26.32 18.30
CA GLU B 305 -12.54 -26.66 18.07
C GLU B 305 -11.67 -25.42 18.19
N ILE B 306 -10.73 -25.47 19.11
CA ILE B 306 -9.76 -24.38 19.26
C ILE B 306 -8.46 -24.77 18.56
N ILE B 307 -8.01 -23.89 17.68
CA ILE B 307 -6.78 -24.11 16.90
C ILE B 307 -5.74 -23.16 17.43
N GLU B 308 -4.59 -23.65 17.80
CA GLU B 308 -3.54 -22.81 18.31
C GLU B 308 -2.24 -22.81 17.46
N TYR B 309 -1.69 -21.62 17.25
CA TYR B 309 -0.38 -21.45 16.59
C TYR B 309 0.63 -20.89 17.59
N TYR B 310 1.64 -21.69 17.95
CA TYR B 310 2.72 -21.27 18.84
C TYR B 310 3.82 -20.64 18.03
N VAL B 311 4.02 -19.32 18.21
CA VAL B 311 4.93 -18.52 17.36
C VAL B 311 5.90 -17.64 18.16
N SER B 312 7.03 -17.27 17.53
CA SER B 312 8.03 -16.39 18.19
C SER B 312 8.99 -15.75 17.19
N GLY B 313 9.68 -14.74 17.68
CA GLY B 313 10.55 -13.90 16.90
C GLY B 313 11.82 -14.59 16.51
N ASP B 314 12.05 -15.79 16.99
CA ASP B 314 13.19 -16.59 16.54
C ASP B 314 12.95 -17.15 15.17
N LYS B 315 11.68 -17.35 14.82
CA LYS B 315 11.29 -17.93 13.52
C LYS B 315 10.08 -17.16 12.94
N LEU B 316 10.39 -16.24 12.03
CA LEU B 316 9.38 -15.33 11.50
C LEU B 316 8.44 -16.01 10.51
N GLU B 317 7.19 -16.10 10.94
CA GLU B 317 6.16 -16.67 10.09
C GLU B 317 4.96 -15.76 10.21
N VAL B 318 4.24 -15.64 9.10
CA VAL B 318 3.04 -14.83 9.13
C VAL B 318 1.83 -15.71 9.47
N VAL B 319 0.96 -15.21 10.32
CA VAL B 319 -0.27 -15.94 10.62
C VAL B 319 -1.44 -15.10 10.10
N ASP B 320 -2.09 -15.56 9.02
CA ASP B 320 -3.36 -14.97 8.58
C ASP B 320 -4.43 -15.18 9.63
N ILE B 321 -5.24 -14.16 9.84
CA ILE B 321 -6.39 -14.22 10.72
C ILE B 321 -7.68 -14.34 9.90
N PRO B 322 -8.14 -15.56 9.63
CA PRO B 322 -9.29 -15.64 8.72
C PRO B 322 -10.65 -15.25 9.32
N VAL B 323 -11.52 -14.73 8.46
CA VAL B 323 -12.84 -14.26 8.83
C VAL B 323 -13.70 -15.41 9.35
N GLY B 324 -14.55 -15.10 10.30
CA GLY B 324 -15.45 -16.07 10.83
C GLY B 324 -14.83 -16.89 11.94
N TYR B 325 -13.56 -16.62 12.29
CA TYR B 325 -12.95 -17.25 13.44
C TYR B 325 -12.74 -16.24 14.52
N THR B 326 -13.19 -16.54 15.72
CA THR B 326 -12.73 -15.71 16.83
C THR B 326 -11.28 -16.12 17.18
N HIS B 327 -10.49 -15.20 17.66
CA HIS B 327 -9.08 -15.42 17.87
C HIS B 327 -8.58 -14.50 18.97
N ASN B 328 -7.52 -14.93 19.64
CA ASN B 328 -6.87 -14.09 20.58
C ASN B 328 -5.39 -14.35 20.47
N ILE B 329 -4.61 -13.49 21.11
CA ILE B 329 -3.14 -13.61 21.10
C ILE B 329 -2.62 -13.46 22.52
N GLU B 330 -1.74 -14.38 22.93
CA GLU B 330 -1.27 -14.40 24.29
C GLU B 330 0.24 -14.55 24.38
N ASN B 331 0.86 -13.76 25.28
CA ASN B 331 2.31 -13.79 25.51
C ASN B 331 2.63 -14.89 26.51
N LEU B 332 3.45 -15.87 26.14
CA LEU B 332 3.74 -16.99 27.03
C LEU B 332 5.15 -16.92 27.56
N GLY B 333 5.81 -15.75 27.40
CA GLY B 333 7.20 -15.57 27.87
C GLY B 333 7.40 -14.58 29.01
N ASP B 334 8.67 -14.28 29.29
CA ASP B 334 8.98 -13.42 30.42
C ASP B 334 9.44 -12.02 29.97
N THR B 335 9.37 -11.77 28.66
CA THR B 335 9.52 -10.44 28.10
C THR B 335 8.30 -10.02 27.28
N ASP B 336 8.29 -8.74 26.94
CA ASP B 336 7.27 -8.19 26.09
C ASP B 336 7.23 -8.96 24.78
N MET B 337 6.01 -9.21 24.31
CA MET B 337 5.79 -9.88 23.07
C MET B 337 5.30 -8.83 22.02
N VAL B 338 6.14 -8.68 20.97
CA VAL B 338 5.96 -7.63 19.95
C VAL B 338 5.45 -8.22 18.66
N THR B 339 4.21 -7.84 18.30
CA THR B 339 3.60 -8.34 17.08
C THR B 339 3.24 -7.23 16.11
N ILE B 340 3.71 -7.40 14.88
CA ILE B 340 3.26 -6.55 13.80
C ILE B 340 1.94 -7.08 13.30
N MET B 341 1.00 -6.16 13.07
CA MET B 341 -0.36 -6.53 12.76
C MET B 341 -0.82 -5.73 11.55
N TRP B 342 -0.97 -6.42 10.43
CA TRP B 342 -1.52 -5.82 9.22
C TRP B 342 -3.01 -6.10 9.26
N VAL B 343 -3.85 -5.10 8.94
CA VAL B 343 -5.27 -5.30 8.72
C VAL B 343 -5.68 -4.83 7.30
N ASN B 344 -6.69 -5.49 6.75
CA ASN B 344 -7.05 -5.34 5.36
C ASN B 344 -7.73 -3.99 5.03
N GLU B 345 -8.12 -3.22 6.04
CA GLU B 345 -8.88 -1.99 5.82
C GLU B 345 -8.79 -1.04 7.03
N MET B 346 -8.73 0.25 6.77
CA MET B 346 -8.79 1.26 7.83
C MET B 346 -10.11 1.09 8.58
N PHE B 347 -10.09 1.36 9.87
CA PHE B 347 -11.25 1.29 10.71
C PHE B 347 -12.32 2.32 10.29
N ASP B 348 -13.55 1.84 10.18
CA ASP B 348 -14.67 2.62 9.70
C ASP B 348 -15.71 2.58 10.83
N PRO B 349 -16.05 3.75 11.42
CA PRO B 349 -16.99 3.72 12.56
C PRO B 349 -18.37 3.18 12.20
N ASN B 350 -18.79 3.35 10.95
CA ASN B 350 -20.08 2.84 10.45
C ASN B 350 -20.13 1.33 10.16
N GLN B 351 -18.95 0.70 10.02
CA GLN B 351 -18.80 -0.74 9.80
C GLN B 351 -17.57 -1.25 10.59
N PRO B 352 -17.62 -1.19 11.94
CA PRO B 352 -16.49 -1.65 12.76
C PRO B 352 -16.20 -3.15 12.55
N ASP B 353 -17.24 -3.89 12.18
CA ASP B 353 -17.18 -5.30 11.82
C ASP B 353 -16.35 -6.13 12.80
N THR B 354 -16.59 -5.91 14.08
CA THR B 354 -15.80 -6.57 15.15
C THR B 354 -16.69 -7.05 16.27
N TYR B 355 -16.68 -8.32 16.57
CA TYR B 355 -17.64 -8.85 17.54
C TYR B 355 -16.90 -9.60 18.60
N PHE B 356 -17.23 -9.28 19.84
CA PHE B 356 -16.57 -9.89 20.93
C PHE B 356 -17.08 -11.35 21.12
N LEU B 357 -16.15 -12.30 21.21
CA LEU B 357 -16.42 -13.70 21.47
C LEU B 357 -15.16 -14.40 22.00
N GLU B 358 -15.29 -14.91 23.23
CA GLU B 358 -14.21 -15.61 23.91
C GLU B 358 -13.87 -16.88 23.18
N VAL B 359 -12.61 -17.04 22.86
CA VAL B 359 -12.15 -18.28 22.25
C VAL B 359 -12.39 -19.34 23.32
#